data_8PLA
#
_entry.id   8PLA
#
_cell.length_a   62.500
_cell.length_b   103.130
_cell.length_c   131.650
_cell.angle_alpha   90.000
_cell.angle_beta   92.720
_cell.angle_gamma   90.000
#
_symmetry.space_group_name_H-M   'P 1 21 1'
#
loop_
_entity.id
_entity.type
_entity.pdbx_description
1 polymer 'Thioredoxin glutathione reductase'
2 non-polymer 'FLAVIN-ADENINE DINUCLEOTIDE'
3 non-polymer ~{N}-[(4-methylphenyl)methyl]-2-thiophen-2-yl-ethanamide
4 water water
#
_entity_poly.entity_id   1
_entity_poly.type   'polypeptide(L)'
_entity_poly.pdbx_seq_one_letter_code
;GPPPADGTSQWLRKTVDSAAVILFSKTTCPYCKKVKDVLAEAKIKHATIELDQLSNGSAIQKCLASFSKIETVPQMFVRG
KFIGDSQTVLKYYSNDELAGIVNESKYDYDLIVIGGGSGGLAAGKEAAKYGAKTAVLDYVEPTPIGTTWGLGGTCVNVGC
IPKKLMHQAGLLSHALEDAEHFGWSLDRSKISHNWSTMVEGVQSHIGSLNWGYKVALRDNQVTYLNAKGRLISPHEVQIT
DKNQKVSTITGNKIILATGERPKYPEIPGAVEYGITSDDLFSLPYFPGKTLVIGASYVALECAGFLASLGGDVTVMVRSI
LLRGFDQQMAEKVGDYMENHGVKFAKLCVPDEIKQLKVVDTENNKPGLLLVKGHYTDGKKFEEEFETVIFAVGREPQLSK
VLCETVGVKLDKNGRVVCTDDEQTTVSNVYAIGDINAGKPQLTPVAIQAGRYLARRLFAGATELTDYSNVATTVFTPLEY
GACGLSEEDAIEKYGDKDIEVYHSNFKPLEWTVAHREDNVCYMKLVCRKSDNMRVLGLHVLGPNAGEITQGYAVAIKMGA
TKADFDRTIGIHPTCSETFTTLHVTKKSGVSPIVSGC
;
_entity_poly.pdbx_strand_id   A,B
#
loop_
_chem_comp.id
_chem_comp.type
_chem_comp.name
_chem_comp.formula
FAD non-polymer 'FLAVIN-ADENINE DINUCLEOTIDE' 'C27 H33 N9 O15 P2'
ZLI non-polymer ~{N}-[(4-methylphenyl)methyl]-2-thiophen-2-yl-ethanamide 'C14 H15 N O S'
#
# COMPACT_ATOMS: atom_id res chain seq x y z
N GLY A 7 -27.29 -9.21 31.23
CA GLY A 7 -26.22 -9.16 30.26
C GLY A 7 -26.09 -10.45 29.46
N THR A 8 -25.54 -11.48 30.11
CA THR A 8 -25.48 -12.80 29.49
C THR A 8 -26.87 -13.35 29.24
N SER A 9 -27.79 -13.16 30.19
CA SER A 9 -29.13 -13.70 30.05
C SER A 9 -29.90 -13.02 28.91
N GLN A 10 -29.68 -11.72 28.72
CA GLN A 10 -30.33 -11.03 27.60
C GLN A 10 -29.78 -11.50 26.26
N TRP A 11 -28.46 -11.70 26.19
CA TRP A 11 -27.86 -12.20 24.95
C TRP A 11 -28.37 -13.59 24.62
N LEU A 12 -28.45 -14.49 25.62
CA LEU A 12 -28.87 -15.86 25.32
C LEU A 12 -30.31 -15.90 24.81
N ARG A 13 -31.20 -15.11 25.43
CA ARG A 13 -32.58 -15.06 24.98
C ARG A 13 -32.68 -14.56 23.54
N LYS A 14 -31.94 -13.49 23.21
CA LYS A 14 -31.96 -12.97 21.84
C LYS A 14 -31.41 -14.00 20.86
N THR A 15 -30.34 -14.69 21.24
CA THR A 15 -29.72 -15.68 20.35
C THR A 15 -30.65 -16.87 20.10
N VAL A 16 -31.27 -17.40 21.16
CA VAL A 16 -32.15 -18.56 21.00
C VAL A 16 -33.37 -18.20 20.16
N ASP A 17 -33.92 -16.99 20.35
CA ASP A 17 -35.14 -16.60 19.64
C ASP A 17 -34.91 -16.41 18.14
N SER A 18 -33.73 -15.96 17.72
CA SER A 18 -33.54 -15.61 16.31
C SER A 18 -32.77 -16.65 15.50
N ALA A 19 -31.98 -17.52 16.12
CA ALA A 19 -31.21 -18.49 15.35
C ALA A 19 -32.15 -19.49 14.66
N ALA A 20 -31.78 -19.89 13.43
CA ALA A 20 -32.57 -20.89 12.72
C ALA A 20 -32.33 -22.30 13.26
N VAL A 21 -31.06 -22.72 13.30
CA VAL A 21 -30.60 -24.00 13.85
C VAL A 21 -29.28 -23.72 14.59
N ILE A 22 -29.20 -24.06 15.88
CA ILE A 22 -28.00 -23.74 16.65
C ILE A 22 -27.70 -24.86 17.65
N LEU A 23 -26.41 -25.12 17.85
CA LEU A 23 -25.91 -26.14 18.76
C LEU A 23 -25.03 -25.51 19.83
N PHE A 24 -25.38 -25.73 21.09
CA PHE A 24 -24.53 -25.34 22.21
C PHE A 24 -23.66 -26.53 22.59
N SER A 25 -22.35 -26.31 22.67
CA SER A 25 -21.35 -27.37 22.54
C SER A 25 -20.15 -27.06 23.43
N LYS A 26 -19.27 -28.07 23.57
CA LYS A 26 -17.91 -27.90 24.06
C LYS A 26 -16.95 -28.65 23.16
N THR A 27 -15.77 -28.05 22.92
CA THR A 27 -14.82 -28.60 21.96
C THR A 27 -14.33 -29.99 22.34
N THR A 28 -14.40 -30.35 23.62
CA THR A 28 -13.81 -31.58 24.13
C THR A 28 -14.83 -32.68 24.35
N CYS A 29 -16.11 -32.45 24.09
CA CYS A 29 -17.14 -33.40 24.48
C CYS A 29 -17.45 -34.35 23.33
N PRO A 30 -17.32 -35.67 23.52
CA PRO A 30 -17.60 -36.60 22.41
C PRO A 30 -19.08 -36.74 22.11
N TYR A 31 -19.97 -36.40 23.03
CA TYR A 31 -21.39 -36.36 22.70
C TYR A 31 -21.69 -35.21 21.76
N CYS A 32 -21.12 -34.02 22.00
CA CYS A 32 -21.27 -32.92 21.05
C CYS A 32 -20.69 -33.27 19.69
N LYS A 33 -19.54 -33.94 19.68
CA LYS A 33 -18.95 -34.36 18.40
C LYS A 33 -19.87 -35.31 17.65
N LYS A 34 -20.53 -36.20 18.38
CA LYS A 34 -21.49 -37.14 17.78
C LYS A 34 -22.64 -36.40 17.11
N VAL A 35 -23.21 -35.39 17.77
CA VAL A 35 -24.30 -34.64 17.16
C VAL A 35 -23.81 -33.89 15.93
N LYS A 36 -22.62 -33.28 16.02
CA LYS A 36 -22.05 -32.59 14.86
C LYS A 36 -21.92 -33.52 13.67
N ASP A 37 -21.42 -34.74 13.90
CA ASP A 37 -21.27 -35.69 12.79
C ASP A 37 -22.62 -36.07 12.19
N VAL A 38 -23.65 -36.25 13.02
CA VAL A 38 -24.99 -36.55 12.52
C VAL A 38 -25.50 -35.43 11.63
N LEU A 39 -25.39 -34.19 12.11
CA LEU A 39 -25.90 -33.07 11.32
C LEU A 39 -25.13 -32.95 10.00
N ALA A 40 -23.80 -33.15 10.04
CA ALA A 40 -23.02 -33.12 8.80
C ALA A 40 -23.48 -34.19 7.82
N GLU A 41 -23.72 -35.41 8.30
CA GLU A 41 -24.15 -36.49 7.41
C GLU A 41 -25.50 -36.21 6.80
N ALA A 42 -26.41 -35.61 7.59
CA ALA A 42 -27.75 -35.24 7.14
C ALA A 42 -27.77 -33.98 6.28
N LYS A 43 -26.62 -33.32 6.10
CA LYS A 43 -26.52 -32.07 5.34
C LYS A 43 -27.36 -30.97 5.97
N ILE A 44 -27.38 -30.93 7.31
CA ILE A 44 -28.11 -29.92 8.06
C ILE A 44 -27.11 -28.88 8.53
N LYS A 45 -27.21 -27.67 7.98
CA LYS A 45 -26.33 -26.56 8.36
C LYS A 45 -26.83 -25.89 9.64
N HIS A 46 -25.88 -25.42 10.46
CA HIS A 46 -26.23 -24.87 11.77
C HIS A 46 -25.10 -23.99 12.30
N ALA A 47 -25.45 -23.08 13.19
CA ALA A 47 -24.47 -22.38 14.02
C ALA A 47 -24.04 -23.27 15.19
N THR A 48 -22.84 -22.98 15.72
CA THR A 48 -22.29 -23.66 16.89
C THR A 48 -21.70 -22.64 17.86
N ILE A 49 -22.03 -22.76 19.14
CA ILE A 49 -21.44 -21.95 20.20
C ILE A 49 -20.64 -22.88 21.10
N GLU A 50 -19.33 -22.67 21.19
CA GLU A 50 -18.46 -23.52 22.02
C GLU A 50 -18.29 -22.85 23.38
N LEU A 51 -18.99 -23.36 24.39
CA LEU A 51 -19.04 -22.69 25.69
C LEU A 51 -17.68 -22.66 26.37
N ASP A 52 -16.83 -23.66 26.13
CA ASP A 52 -15.55 -23.70 26.82
C ASP A 52 -14.60 -22.62 26.32
N GLN A 53 -14.88 -22.01 25.17
CA GLN A 53 -14.04 -20.95 24.64
C GLN A 53 -14.59 -19.55 24.93
N LEU A 54 -15.60 -19.46 25.80
CA LEU A 54 -16.17 -18.18 26.20
C LEU A 54 -15.95 -17.97 27.68
N SER A 55 -15.67 -16.72 28.05
CA SER A 55 -15.43 -16.38 29.45
C SER A 55 -16.64 -16.69 30.32
N ASN A 56 -17.84 -16.32 29.85
CA ASN A 56 -19.05 -16.56 30.60
C ASN A 56 -19.72 -17.89 30.25
N GLY A 57 -18.93 -18.87 29.77
CA GLY A 57 -19.52 -20.14 29.34
C GLY A 57 -20.27 -20.86 30.44
N SER A 58 -19.76 -20.79 31.67
CA SER A 58 -20.45 -21.44 32.78
C SER A 58 -21.80 -20.79 33.04
N ALA A 59 -21.86 -19.46 32.99
CA ALA A 59 -23.12 -18.75 33.23
C ALA A 59 -24.13 -19.02 32.11
N ILE A 60 -23.65 -19.07 30.86
CA ILE A 60 -24.54 -19.37 29.74
C ILE A 60 -25.21 -20.72 29.95
N GLN A 61 -24.43 -21.72 30.38
CA GLN A 61 -24.95 -23.06 30.57
C GLN A 61 -26.08 -23.08 31.59
N LYS A 62 -25.97 -22.26 32.64
CA LYS A 62 -27.03 -22.21 33.64
C LYS A 62 -28.27 -21.50 33.10
N CYS A 63 -28.08 -20.47 32.26
CA CYS A 63 -29.21 -19.77 31.66
C CYS A 63 -29.98 -20.65 30.68
N LEU A 64 -29.29 -21.61 30.02
CA LEU A 64 -29.95 -22.45 29.03
C LEU A 64 -31.13 -23.22 29.63
N ALA A 65 -31.06 -23.56 30.92
CA ALA A 65 -32.14 -24.33 31.52
C ALA A 65 -33.46 -23.56 31.54
N SER A 66 -33.40 -22.22 31.47
CA SER A 66 -34.61 -21.43 31.32
C SER A 66 -35.36 -21.75 30.04
N PHE A 67 -34.69 -22.36 29.06
CA PHE A 67 -35.32 -22.75 27.81
C PHE A 67 -35.48 -24.27 27.67
N SER A 68 -34.51 -25.05 28.17
CA SER A 68 -34.48 -26.49 27.94
C SER A 68 -34.72 -27.33 29.19
N LYS A 69 -34.58 -26.75 30.38
CA LYS A 69 -34.63 -27.43 31.69
C LYS A 69 -33.47 -28.39 31.92
N ILE A 70 -32.40 -28.33 31.10
CA ILE A 70 -31.18 -29.05 31.40
C ILE A 70 -30.00 -28.08 31.30
N GLU A 71 -28.89 -28.45 31.96
CA GLU A 71 -27.71 -27.60 32.02
C GLU A 71 -26.49 -28.20 31.34
N THR A 72 -26.62 -29.31 30.62
CA THR A 72 -25.49 -30.01 30.02
C THR A 72 -25.38 -29.66 28.53
N VAL A 73 -24.24 -30.01 27.94
CA VAL A 73 -24.08 -29.94 26.49
C VAL A 73 -23.95 -31.36 25.96
N PRO A 74 -24.37 -31.64 24.72
CA PRO A 74 -24.95 -30.70 23.73
C PRO A 74 -26.42 -30.32 23.95
N GLN A 75 -26.83 -29.14 23.48
CA GLN A 75 -28.23 -28.75 23.38
C GLN A 75 -28.48 -28.18 21.99
N MET A 76 -29.45 -28.75 21.27
CA MET A 76 -29.82 -28.30 19.93
C MET A 76 -31.17 -27.56 19.97
N PHE A 77 -31.23 -26.39 19.30
CA PHE A 77 -32.45 -25.61 19.17
C PHE A 77 -32.76 -25.36 17.70
N VAL A 78 -34.06 -25.24 17.38
CA VAL A 78 -34.55 -24.88 16.04
C VAL A 78 -35.62 -23.79 16.20
N ARG A 79 -35.35 -22.61 15.63
CA ARG A 79 -36.32 -21.50 15.58
C ARG A 79 -36.95 -21.26 16.95
N GLY A 80 -36.10 -21.23 17.98
CA GLY A 80 -36.48 -20.81 19.31
C GLY A 80 -36.91 -21.92 20.25
N LYS A 81 -36.94 -23.16 19.78
CA LYS A 81 -37.46 -24.31 20.51
C LYS A 81 -36.33 -25.31 20.78
N PHE A 82 -36.24 -25.78 22.03
CA PHE A 82 -35.32 -26.86 22.36
C PHE A 82 -35.74 -28.14 21.66
N ILE A 83 -34.81 -28.78 20.96
CA ILE A 83 -35.07 -30.02 20.25
C ILE A 83 -34.56 -31.24 21.02
N GLY A 84 -33.35 -31.19 21.57
CA GLY A 84 -32.90 -32.34 22.33
C GLY A 84 -31.42 -32.35 22.62
N ASP A 85 -31.04 -33.32 23.45
CA ASP A 85 -29.65 -33.65 23.72
C ASP A 85 -29.23 -34.75 22.74
N SER A 86 -28.14 -35.47 23.01
CA SER A 86 -27.61 -36.39 22.00
C SER A 86 -28.52 -37.60 21.78
N GLN A 87 -29.03 -38.22 22.86
CA GLN A 87 -29.90 -39.39 22.65
C GLN A 87 -31.14 -39.01 21.85
N THR A 88 -31.66 -37.80 22.07
CA THR A 88 -32.89 -37.37 21.40
C THR A 88 -32.62 -37.06 19.93
N VAL A 89 -31.52 -36.38 19.62
CA VAL A 89 -31.22 -36.10 18.22
C VAL A 89 -30.98 -37.39 17.44
N LEU A 90 -30.28 -38.35 18.05
CA LEU A 90 -30.07 -39.65 17.40
C LEU A 90 -31.40 -40.37 17.15
N LYS A 91 -32.34 -40.27 18.11
CA LYS A 91 -33.66 -40.87 17.93
C LYS A 91 -34.36 -40.30 16.69
N TYR A 92 -34.36 -38.97 16.55
CA TYR A 92 -35.03 -38.38 15.39
C TYR A 92 -34.38 -38.85 14.09
N TYR A 93 -33.05 -38.89 14.06
CA TYR A 93 -32.36 -39.30 12.85
C TYR A 93 -32.65 -40.77 12.53
N SER A 94 -32.61 -41.63 13.55
CA SER A 94 -32.87 -43.05 13.33
C SER A 94 -34.28 -43.29 12.81
N ASN A 95 -35.24 -42.48 13.25
CA ASN A 95 -36.63 -42.65 12.82
C ASN A 95 -36.99 -41.78 11.62
N ASP A 96 -36.01 -41.18 10.95
CA ASP A 96 -36.22 -40.35 9.76
C ASP A 96 -37.14 -39.17 10.04
N GLU A 97 -37.06 -38.65 11.27
CA GLU A 97 -37.87 -37.52 11.72
C GLU A 97 -37.10 -36.21 11.77
N LEU A 98 -35.77 -36.26 11.72
CA LEU A 98 -34.97 -35.06 11.97
C LEU A 98 -35.13 -34.02 10.84
N ALA A 99 -35.19 -34.47 9.58
CA ALA A 99 -35.30 -33.52 8.48
C ALA A 99 -36.58 -32.68 8.58
N GLY A 100 -37.71 -33.30 8.94
CA GLY A 100 -38.94 -32.55 9.09
C GLY A 100 -38.90 -31.57 10.25
N ILE A 101 -38.24 -31.95 11.33
CA ILE A 101 -38.15 -31.07 12.49
C ILE A 101 -37.33 -29.82 12.17
N VAL A 102 -36.17 -29.99 11.54
CA VAL A 102 -35.34 -28.83 11.25
C VAL A 102 -35.89 -27.96 10.14
N ASN A 103 -36.91 -28.42 9.40
CA ASN A 103 -37.55 -27.59 8.39
C ASN A 103 -38.88 -26.98 8.83
N GLU A 104 -39.34 -27.28 10.04
CA GLU A 104 -40.59 -26.70 10.53
C GLU A 104 -40.44 -25.21 10.78
N SER A 105 -41.33 -24.40 10.20
CA SER A 105 -41.24 -22.95 10.32
C SER A 105 -42.62 -22.32 10.15
N LYS A 106 -42.87 -21.24 10.90
CA LYS A 106 -44.09 -20.46 10.77
C LYS A 106 -44.10 -19.59 9.52
N TYR A 107 -42.93 -19.28 8.96
CA TYR A 107 -42.79 -18.42 7.79
C TYR A 107 -42.24 -19.24 6.62
N ASP A 108 -42.37 -18.69 5.41
CA ASP A 108 -41.77 -19.35 4.26
C ASP A 108 -40.25 -19.38 4.37
N TYR A 109 -39.65 -18.29 4.87
CA TYR A 109 -38.20 -18.15 4.97
C TYR A 109 -37.79 -17.59 6.32
N ASP A 110 -36.60 -17.99 6.79
CA ASP A 110 -36.01 -17.33 7.95
C ASP A 110 -35.59 -15.91 7.61
N LEU A 111 -35.11 -15.69 6.37
CA LEU A 111 -34.60 -14.41 5.92
C LEU A 111 -35.05 -14.16 4.48
N ILE A 112 -35.62 -12.98 4.21
CA ILE A 112 -35.81 -12.49 2.85
C ILE A 112 -34.94 -11.26 2.69
N VAL A 113 -34.06 -11.27 1.68
CA VAL A 113 -33.21 -10.14 1.31
C VAL A 113 -33.82 -9.49 0.09
N ILE A 114 -34.18 -8.21 0.18
CA ILE A 114 -34.71 -7.48 -0.97
C ILE A 114 -33.54 -6.70 -1.56
N GLY A 115 -33.03 -7.17 -2.70
CA GLY A 115 -31.87 -6.56 -3.35
C GLY A 115 -30.70 -7.52 -3.44
N GLY A 116 -30.26 -7.80 -4.67
CA GLY A 116 -29.14 -8.70 -4.89
C GLY A 116 -27.87 -8.00 -5.36
N GLY A 117 -27.43 -6.99 -4.63
CA GLY A 117 -26.15 -6.36 -4.92
C GLY A 117 -25.07 -6.65 -3.90
N SER A 118 -24.13 -5.71 -3.73
CA SER A 118 -22.97 -5.92 -2.86
C SER A 118 -23.39 -6.38 -1.47
N GLY A 119 -24.28 -5.63 -0.82
CA GLY A 119 -24.65 -5.97 0.56
C GLY A 119 -25.57 -7.18 0.64
N GLY A 120 -26.61 -7.23 -0.21
CA GLY A 120 -27.61 -8.27 -0.08
C GLY A 120 -27.10 -9.67 -0.38
N LEU A 121 -26.26 -9.80 -1.42
CA LEU A 121 -25.70 -11.12 -1.71
C LEU A 121 -24.79 -11.57 -0.58
N ALA A 122 -24.03 -10.64 0.01
CA ALA A 122 -23.14 -11.00 1.11
C ALA A 122 -23.93 -11.47 2.33
N ALA A 123 -25.04 -10.80 2.64
CA ALA A 123 -25.85 -11.18 3.79
C ALA A 123 -26.53 -12.51 3.58
N GLY A 124 -27.08 -12.72 2.38
CA GLY A 124 -27.80 -13.96 2.09
C GLY A 124 -26.91 -15.19 2.14
N LYS A 125 -25.73 -15.12 1.51
CA LYS A 125 -24.81 -16.27 1.58
C LYS A 125 -24.38 -16.53 3.01
N GLU A 126 -24.07 -15.48 3.78
CA GLU A 126 -23.59 -15.71 5.14
C GLU A 126 -24.67 -16.30 6.03
N ALA A 127 -25.91 -15.83 5.91
CA ALA A 127 -27.00 -16.38 6.72
C ALA A 127 -27.23 -17.86 6.41
N ALA A 128 -27.18 -18.23 5.13
CA ALA A 128 -27.45 -19.60 4.74
C ALA A 128 -26.44 -20.57 5.36
N LYS A 129 -25.21 -20.10 5.61
CA LYS A 129 -24.19 -20.96 6.22
C LYS A 129 -24.59 -21.47 7.61
N TYR A 130 -25.46 -20.76 8.31
CA TYR A 130 -25.90 -21.16 9.65
C TYR A 130 -27.28 -21.81 9.64
N GLY A 131 -27.75 -22.25 8.49
CA GLY A 131 -29.02 -22.94 8.41
C GLY A 131 -30.25 -22.09 8.19
N ALA A 132 -30.11 -20.77 8.03
CA ALA A 132 -31.26 -19.94 7.71
C ALA A 132 -31.79 -20.27 6.32
N LYS A 133 -33.06 -20.64 6.23
CA LYS A 133 -33.75 -20.72 4.94
C LYS A 133 -33.88 -19.32 4.37
N THR A 134 -33.20 -19.07 3.24
CA THR A 134 -32.97 -17.72 2.74
C THR A 134 -33.44 -17.55 1.29
N ALA A 135 -34.10 -16.42 1.00
CA ALA A 135 -34.41 -16.01 -0.37
C ALA A 135 -33.77 -14.65 -0.64
N VAL A 136 -33.20 -14.50 -1.83
CA VAL A 136 -32.67 -13.21 -2.29
C VAL A 136 -33.47 -12.79 -3.52
N LEU A 137 -34.04 -11.58 -3.47
CA LEU A 137 -34.81 -11.02 -4.58
C LEU A 137 -33.98 -9.96 -5.28
N ASP A 138 -33.92 -10.00 -6.61
CA ASP A 138 -33.24 -8.95 -7.37
C ASP A 138 -33.97 -8.68 -8.68
N TYR A 139 -34.12 -7.40 -8.99
CA TYR A 139 -34.73 -6.91 -10.22
C TYR A 139 -34.03 -5.62 -10.61
N VAL A 140 -33.78 -5.44 -11.91
CA VAL A 140 -33.12 -4.25 -12.45
C VAL A 140 -34.11 -3.51 -13.34
N GLU A 141 -34.69 -2.43 -12.82
CA GLU A 141 -35.58 -1.57 -13.61
C GLU A 141 -34.78 -0.94 -14.76
N PRO A 142 -35.23 -1.06 -16.01
CA PRO A 142 -34.42 -0.55 -17.13
C PRO A 142 -34.31 0.97 -17.09
N THR A 143 -33.21 1.47 -17.66
CA THR A 143 -32.98 2.89 -17.80
C THR A 143 -33.94 3.45 -18.84
N PRO A 144 -34.07 4.77 -18.95
CA PRO A 144 -34.97 5.34 -19.96
C PRO A 144 -34.72 4.85 -21.38
N ILE A 145 -33.47 4.65 -21.81
CA ILE A 145 -33.24 4.14 -23.17
C ILE A 145 -33.32 2.63 -23.24
N GLY A 146 -33.54 1.96 -22.11
CA GLY A 146 -33.80 0.52 -22.10
C GLY A 146 -32.70 -0.37 -21.58
N THR A 147 -31.61 0.20 -21.04
CA THR A 147 -30.49 -0.63 -20.57
C THR A 147 -30.88 -1.43 -19.34
N THR A 148 -30.50 -2.72 -19.33
CA THR A 148 -30.62 -3.58 -18.16
C THR A 148 -29.38 -4.47 -18.06
N TRP A 149 -29.28 -5.25 -16.98
CA TRP A 149 -28.10 -6.07 -16.69
C TRP A 149 -28.46 -7.18 -15.69
N GLY A 150 -27.46 -7.98 -15.33
CA GLY A 150 -27.69 -9.20 -14.54
C GLY A 150 -27.41 -9.04 -13.05
N LEU A 151 -27.35 -10.19 -12.36
CA LEU A 151 -27.29 -10.22 -10.90
C LEU A 151 -25.95 -9.67 -10.38
N GLY A 152 -26.01 -8.97 -9.25
CA GLY A 152 -24.77 -8.52 -8.61
C GLY A 152 -24.73 -7.06 -8.18
N GLY A 153 -25.67 -6.24 -8.65
CA GLY A 153 -25.79 -4.88 -8.15
C GLY A 153 -25.01 -3.84 -8.92
N THR A 154 -24.93 -2.64 -8.33
CA THR A 154 -24.35 -1.48 -9.02
C THR A 154 -22.86 -1.65 -9.25
N CYS A 155 -22.12 -2.10 -8.22
CA CYS A 155 -20.66 -2.18 -8.37
C CYS A 155 -20.27 -3.13 -9.50
N VAL A 156 -20.87 -4.31 -9.50
CA VAL A 156 -20.50 -5.36 -10.47
C VAL A 156 -20.83 -4.94 -11.89
N ASN A 157 -22.01 -4.36 -12.11
CA ASN A 157 -22.54 -4.15 -13.46
C ASN A 157 -22.29 -2.75 -14.02
N VAL A 158 -22.43 -1.71 -13.19
CA VAL A 158 -22.42 -0.33 -13.69
C VAL A 158 -21.69 0.60 -12.71
N GLY A 159 -20.69 0.06 -12.01
CA GLY A 159 -19.98 0.85 -11.00
C GLY A 159 -18.51 0.49 -10.90
N CYS A 160 -18.05 0.10 -9.70
CA CYS A 160 -16.60 -0.03 -9.46
C CYS A 160 -15.90 -0.91 -10.49
N ILE A 161 -16.51 -2.04 -10.84
CA ILE A 161 -15.84 -3.02 -11.72
C ILE A 161 -15.63 -2.49 -13.14
N PRO A 162 -16.67 -2.12 -13.91
CA PRO A 162 -16.40 -1.57 -15.25
C PRO A 162 -15.66 -0.23 -15.21
N LYS A 163 -15.92 0.61 -14.20
CA LYS A 163 -15.24 1.90 -14.12
C LYS A 163 -13.73 1.72 -13.99
N LYS A 164 -13.27 0.80 -13.13
CA LYS A 164 -11.82 0.64 -12.98
C LYS A 164 -11.22 -0.07 -14.18
N LEU A 165 -11.97 -0.94 -14.87
CA LEU A 165 -11.41 -1.54 -16.07
C LEU A 165 -11.22 -0.50 -17.17
N MET A 166 -12.17 0.45 -17.31
CA MET A 166 -11.99 1.49 -18.32
C MET A 166 -10.91 2.48 -17.90
N HIS A 167 -10.78 2.75 -16.59
CA HIS A 167 -9.64 3.51 -16.06
C HIS A 167 -8.33 2.85 -16.46
N GLN A 168 -8.23 1.51 -16.34
CA GLN A 168 -6.99 0.82 -16.70
C GLN A 168 -6.70 0.97 -18.20
N ALA A 169 -7.73 0.87 -19.05
CA ALA A 169 -7.51 1.12 -20.48
C ALA A 169 -6.94 2.52 -20.72
N GLY A 170 -7.42 3.49 -19.94
CA GLY A 170 -6.88 4.85 -20.07
C GLY A 170 -5.46 4.97 -19.56
N LEU A 171 -5.15 4.34 -18.42
CA LEU A 171 -3.76 4.34 -17.93
C LEU A 171 -2.81 3.73 -18.94
N LEU A 172 -3.27 2.70 -19.68
CA LEU A 172 -2.38 2.09 -20.65
C LEU A 172 -2.00 3.04 -21.79
N SER A 173 -2.76 4.11 -22.03
CA SER A 173 -2.33 5.09 -23.03
C SER A 173 -0.99 5.70 -22.62
N HIS A 174 -0.83 6.01 -21.32
CA HIS A 174 0.45 6.55 -20.88
C HIS A 174 1.53 5.48 -20.77
N ALA A 175 1.16 4.23 -20.48
CA ALA A 175 2.15 3.16 -20.51
C ALA A 175 2.74 2.98 -21.91
N LEU A 176 1.91 3.10 -22.95
CA LEU A 176 2.41 3.00 -24.33
C LEU A 176 3.40 4.12 -24.62
N GLU A 177 3.07 5.36 -24.23
CA GLU A 177 4.00 6.48 -24.36
C GLU A 177 5.30 6.21 -23.59
N ASP A 178 5.18 5.82 -22.32
CA ASP A 178 6.37 5.62 -21.50
C ASP A 178 7.26 4.51 -22.07
N ALA A 179 6.66 3.48 -22.68
CA ALA A 179 7.43 2.36 -23.21
C ALA A 179 8.47 2.81 -24.24
N GLU A 180 8.17 3.85 -25.03
CA GLU A 180 9.17 4.35 -25.98
C GLU A 180 10.46 4.78 -25.28
N HIS A 181 10.32 5.52 -24.17
CA HIS A 181 11.50 6.00 -23.45
C HIS A 181 12.28 4.86 -22.82
N PHE A 182 11.59 3.80 -22.39
CA PHE A 182 12.27 2.65 -21.81
C PHE A 182 12.85 1.69 -22.85
N GLY A 183 12.76 2.01 -24.15
CA GLY A 183 13.46 1.29 -25.19
C GLY A 183 12.59 0.49 -26.16
N TRP A 184 11.28 0.46 -26.00
CA TRP A 184 10.44 -0.34 -26.88
C TRP A 184 10.19 0.39 -28.21
N SER A 185 10.01 -0.39 -29.28
CA SER A 185 10.07 0.15 -30.64
C SER A 185 8.75 0.76 -31.15
N LEU A 186 7.69 0.76 -30.35
CA LEU A 186 6.41 1.27 -30.83
C LEU A 186 6.44 2.79 -31.00
N ASP A 187 5.39 3.29 -31.66
CA ASP A 187 5.18 4.74 -31.86
C ASP A 187 3.76 5.03 -31.41
N ARG A 188 3.61 5.59 -30.21
CA ARG A 188 2.29 5.89 -29.67
C ARG A 188 1.48 6.78 -30.61
N SER A 189 2.17 7.66 -31.34
CA SER A 189 1.51 8.55 -32.30
C SER A 189 0.69 7.79 -33.33
N LYS A 190 1.05 6.55 -33.62
CA LYS A 190 0.42 5.79 -34.69
C LYS A 190 -0.60 4.79 -34.18
N ILE A 191 -0.90 4.81 -32.88
CA ILE A 191 -1.77 3.81 -32.24
C ILE A 191 -3.07 4.49 -31.83
N SER A 192 -4.19 3.79 -31.98
CA SER A 192 -5.50 4.31 -31.65
C SER A 192 -6.24 3.30 -30.78
N HIS A 193 -7.35 3.74 -30.21
CA HIS A 193 -8.15 2.88 -29.33
C HIS A 193 -9.50 2.55 -29.98
N ASN A 194 -9.94 1.28 -29.81
CA ASN A 194 -11.23 0.80 -30.30
C ASN A 194 -12.17 0.61 -29.11
N TRP A 195 -13.14 1.53 -28.96
CA TRP A 195 -14.07 1.47 -27.84
C TRP A 195 -14.82 0.14 -27.78
N SER A 196 -15.33 -0.33 -28.92
CA SER A 196 -16.18 -1.52 -28.85
C SER A 196 -15.40 -2.78 -28.48
N THR A 197 -14.10 -2.85 -28.83
CA THR A 197 -13.31 -4.00 -28.39
C THR A 197 -13.14 -3.99 -26.86
N MET A 198 -12.85 -2.82 -26.28
CA MET A 198 -12.85 -2.67 -24.83
C MET A 198 -14.15 -3.13 -24.20
N VAL A 199 -15.28 -2.57 -24.66
CA VAL A 199 -16.58 -2.85 -24.04
C VAL A 199 -16.88 -4.34 -24.10
N GLU A 200 -16.55 -4.99 -25.23
CA GLU A 200 -16.76 -6.44 -25.32
C GLU A 200 -16.01 -7.20 -24.23
N GLY A 201 -14.75 -6.85 -23.97
CA GLY A 201 -14.00 -7.54 -22.92
C GLY A 201 -14.52 -7.23 -21.52
N VAL A 202 -14.83 -5.97 -21.25
CA VAL A 202 -15.44 -5.58 -19.97
C VAL A 202 -16.74 -6.35 -19.73
N GLN A 203 -17.62 -6.40 -20.74
CA GLN A 203 -18.92 -7.08 -20.56
C GLN A 203 -18.77 -8.59 -20.44
N SER A 204 -17.74 -9.18 -21.06
CA SER A 204 -17.51 -10.61 -20.87
C SER A 204 -17.14 -10.91 -19.41
N HIS A 205 -16.30 -10.07 -18.80
CA HIS A 205 -15.98 -10.25 -17.39
C HIS A 205 -17.22 -10.06 -16.52
N ILE A 206 -18.00 -9.00 -16.77
CA ILE A 206 -19.23 -8.79 -15.99
C ILE A 206 -20.15 -10.00 -16.09
N GLY A 207 -20.30 -10.55 -17.31
CA GLY A 207 -21.14 -11.72 -17.49
C GLY A 207 -20.66 -12.91 -16.67
N SER A 208 -19.34 -13.06 -16.54
CA SER A 208 -18.82 -14.14 -15.70
C SER A 208 -19.15 -13.92 -14.23
N LEU A 209 -19.24 -12.65 -13.79
CA LEU A 209 -19.64 -12.38 -12.40
C LEU A 209 -21.13 -12.64 -12.19
N ASN A 210 -21.98 -12.22 -13.13
CA ASN A 210 -23.42 -12.52 -13.03
C ASN A 210 -23.63 -14.02 -12.81
N TRP A 211 -23.01 -14.82 -13.67
CA TRP A 211 -23.15 -16.28 -13.59
C TRP A 211 -22.56 -16.82 -12.30
N GLY A 212 -21.40 -16.30 -11.87
CA GLY A 212 -20.78 -16.77 -10.64
C GLY A 212 -21.65 -16.54 -9.41
N TYR A 213 -22.36 -15.40 -9.37
CA TYR A 213 -23.28 -15.18 -8.26
C TYR A 213 -24.47 -16.14 -8.30
N LYS A 214 -25.01 -16.45 -9.49
CA LYS A 214 -26.10 -17.42 -9.54
C LYS A 214 -25.64 -18.80 -9.08
N VAL A 215 -24.43 -19.21 -9.49
CA VAL A 215 -23.90 -20.50 -9.07
C VAL A 215 -23.68 -20.52 -7.56
N ALA A 216 -23.16 -19.42 -7.01
CA ALA A 216 -22.89 -19.35 -5.58
C ALA A 216 -24.17 -19.49 -4.75
N LEU A 217 -25.25 -18.84 -5.19
CA LEU A 217 -26.51 -18.96 -4.47
C LEU A 217 -27.06 -20.38 -4.60
N ARG A 218 -26.95 -20.97 -5.79
CA ARG A 218 -27.39 -22.35 -5.97
C ARG A 218 -26.62 -23.30 -5.04
N ASP A 219 -25.30 -23.12 -4.94
CA ASP A 219 -24.48 -24.01 -4.10
C ASP A 219 -24.65 -23.76 -2.60
N ASN A 220 -25.15 -22.58 -2.19
CA ASN A 220 -25.44 -22.32 -0.78
C ASN A 220 -26.90 -22.62 -0.41
N GLN A 221 -27.68 -23.19 -1.34
CA GLN A 221 -29.10 -23.52 -1.14
C GLN A 221 -29.93 -22.26 -0.85
N VAL A 222 -29.57 -21.14 -1.47
CA VAL A 222 -30.32 -19.89 -1.36
C VAL A 222 -31.28 -19.81 -2.54
N THR A 223 -32.54 -19.49 -2.28
CA THR A 223 -33.50 -19.29 -3.36
C THR A 223 -33.30 -17.93 -4.00
N TYR A 224 -32.98 -17.90 -5.29
CA TYR A 224 -32.89 -16.65 -6.06
C TYR A 224 -34.17 -16.45 -6.88
N LEU A 225 -34.86 -15.34 -6.63
CA LEU A 225 -36.03 -14.90 -7.39
C LEU A 225 -35.70 -13.63 -8.17
N ASN A 226 -35.74 -13.70 -9.49
CA ASN A 226 -35.61 -12.50 -10.34
C ASN A 226 -36.98 -11.84 -10.38
N ALA A 227 -37.26 -11.03 -9.35
CA ALA A 227 -38.59 -10.48 -9.10
C ALA A 227 -38.46 -9.17 -8.35
N LYS A 228 -39.39 -8.26 -8.61
CA LYS A 228 -39.48 -7.01 -7.86
C LYS A 228 -40.21 -7.24 -6.54
N GLY A 229 -39.57 -6.87 -5.42
CA GLY A 229 -40.17 -7.02 -4.11
C GLY A 229 -40.72 -5.74 -3.52
N ARG A 230 -41.78 -5.86 -2.71
CA ARG A 230 -42.35 -4.73 -1.98
C ARG A 230 -42.78 -5.19 -0.59
N LEU A 231 -42.26 -4.55 0.45
CA LEU A 231 -42.62 -4.89 1.82
C LEU A 231 -43.97 -4.25 2.16
N ILE A 232 -44.98 -5.08 2.42
CA ILE A 232 -46.34 -4.59 2.67
C ILE A 232 -46.79 -4.76 4.12
N SER A 233 -46.10 -5.55 4.91
CA SER A 233 -46.25 -5.60 6.37
C SER A 233 -44.95 -6.16 6.93
N PRO A 234 -44.78 -6.20 8.27
CA PRO A 234 -43.45 -6.59 8.79
C PRO A 234 -42.93 -7.92 8.28
N HIS A 235 -43.79 -8.91 8.00
CA HIS A 235 -43.34 -10.22 7.55
C HIS A 235 -43.77 -10.60 6.14
N GLU A 236 -44.51 -9.74 5.41
CA GLU A 236 -45.01 -10.13 4.09
C GLU A 236 -44.33 -9.31 2.99
N VAL A 237 -43.79 -10.00 1.99
CA VAL A 237 -43.15 -9.37 0.83
C VAL A 237 -43.96 -9.75 -0.41
N GLN A 238 -44.50 -8.74 -1.09
CA GLN A 238 -45.20 -8.94 -2.36
C GLN A 238 -44.18 -8.96 -3.50
N ILE A 239 -44.25 -9.99 -4.34
CA ILE A 239 -43.29 -10.13 -5.43
C ILE A 239 -44.04 -10.10 -6.76
N THR A 240 -43.40 -9.49 -7.77
CA THR A 240 -43.91 -9.46 -9.14
C THR A 240 -42.85 -10.06 -10.05
N ASP A 241 -43.19 -11.14 -10.76
CA ASP A 241 -42.19 -11.86 -11.54
C ASP A 241 -42.14 -11.34 -12.98
N LYS A 242 -41.39 -12.02 -13.84
CA LYS A 242 -41.18 -11.55 -15.21
C LYS A 242 -42.47 -11.54 -16.01
N ASN A 243 -43.44 -12.38 -15.65
CA ASN A 243 -44.71 -12.45 -16.35
C ASN A 243 -45.80 -11.65 -15.66
N GLN A 244 -45.42 -10.69 -14.80
CA GLN A 244 -46.33 -9.84 -14.06
C GLN A 244 -47.29 -10.63 -13.17
N LYS A 245 -46.90 -11.85 -12.78
CA LYS A 245 -47.62 -12.60 -11.75
C LYS A 245 -47.28 -12.05 -10.37
N VAL A 246 -48.29 -11.71 -9.59
CA VAL A 246 -48.12 -11.14 -8.26
C VAL A 246 -48.49 -12.20 -7.22
N SER A 247 -47.67 -12.32 -6.18
CA SER A 247 -47.92 -13.26 -5.08
C SER A 247 -47.21 -12.73 -3.84
N THR A 248 -47.41 -13.42 -2.71
CA THR A 248 -46.85 -12.99 -1.43
C THR A 248 -46.05 -14.14 -0.80
N ILE A 249 -44.86 -13.82 -0.29
CA ILE A 249 -44.05 -14.74 0.51
C ILE A 249 -43.80 -14.11 1.88
N THR A 250 -43.54 -14.95 2.88
CA THR A 250 -43.35 -14.46 4.24
C THR A 250 -41.95 -14.80 4.76
N GLY A 251 -41.44 -13.94 5.64
CA GLY A 251 -40.11 -14.12 6.20
C GLY A 251 -40.08 -13.65 7.64
N ASN A 252 -39.27 -14.34 8.45
CA ASN A 252 -39.09 -13.94 9.84
C ASN A 252 -38.33 -12.63 9.93
N LYS A 253 -37.08 -12.61 9.46
CA LYS A 253 -36.25 -11.41 9.36
C LYS A 253 -36.25 -10.90 7.93
N ILE A 254 -36.20 -9.56 7.76
CA ILE A 254 -36.14 -8.90 6.44
C ILE A 254 -34.91 -8.00 6.40
N ILE A 255 -34.11 -8.11 5.32
CA ILE A 255 -33.02 -7.15 5.09
C ILE A 255 -33.32 -6.37 3.81
N LEU A 256 -33.41 -5.04 3.95
CA LEU A 256 -33.57 -4.14 2.83
C LEU A 256 -32.18 -3.76 2.32
N ALA A 257 -31.93 -3.98 1.03
CA ALA A 257 -30.61 -3.76 0.43
C ALA A 257 -30.77 -3.39 -1.04
N THR A 258 -31.66 -2.44 -1.33
CA THR A 258 -32.08 -2.12 -2.69
C THR A 258 -31.26 -1.00 -3.35
N GLY A 259 -30.28 -0.43 -2.66
CA GLY A 259 -29.37 0.56 -3.29
C GLY A 259 -30.05 1.81 -3.86
N GLU A 260 -29.34 2.45 -4.82
CA GLU A 260 -29.74 3.73 -5.41
C GLU A 260 -29.62 3.67 -6.94
N ARG A 261 -30.12 4.71 -7.60
CA ARG A 261 -29.97 4.88 -9.04
C ARG A 261 -29.66 6.34 -9.36
N PRO A 262 -29.17 6.64 -10.56
CA PRO A 262 -28.77 8.02 -10.88
C PRO A 262 -29.93 9.01 -10.94
N LYS A 263 -29.67 10.24 -10.47
CA LYS A 263 -30.64 11.34 -10.61
C LYS A 263 -30.52 12.00 -12.00
N TYR A 264 -31.63 12.60 -12.47
CA TYR A 264 -31.58 13.50 -13.62
C TYR A 264 -31.97 14.92 -13.21
N PRO A 265 -31.40 15.93 -13.83
CA PRO A 265 -31.90 17.29 -13.61
C PRO A 265 -33.27 17.46 -14.25
N GLU A 266 -34.10 18.29 -13.62
CA GLU A 266 -35.44 18.56 -14.13
C GLU A 266 -35.37 19.68 -15.18
N ILE A 267 -34.83 19.32 -16.35
CA ILE A 267 -34.78 20.24 -17.49
C ILE A 267 -35.30 19.54 -18.72
N PRO A 268 -35.83 20.29 -19.71
CA PRO A 268 -36.29 19.65 -20.96
C PRO A 268 -35.17 18.92 -21.68
N GLY A 269 -35.46 17.69 -22.11
CA GLY A 269 -34.55 16.92 -22.93
C GLY A 269 -33.60 16.01 -22.18
N ALA A 270 -33.53 16.12 -20.84
CA ALA A 270 -32.53 15.39 -20.08
C ALA A 270 -32.77 13.88 -20.14
N VAL A 271 -33.99 13.45 -19.82
CA VAL A 271 -34.32 12.03 -19.85
C VAL A 271 -34.32 11.48 -21.28
N GLU A 272 -34.78 12.28 -22.24
CA GLU A 272 -34.92 11.82 -23.61
C GLU A 272 -33.57 11.68 -24.30
N TYR A 273 -32.66 12.63 -24.10
CA TYR A 273 -31.48 12.74 -24.95
C TYR A 273 -30.14 12.55 -24.24
N GLY A 274 -30.07 12.71 -22.91
CA GLY A 274 -28.86 12.40 -22.16
C GLY A 274 -28.84 10.95 -21.68
N ILE A 275 -27.71 10.56 -21.07
CA ILE A 275 -27.49 9.24 -20.47
C ILE A 275 -26.84 9.42 -19.10
N THR A 276 -26.71 8.31 -18.37
CA THR A 276 -25.99 8.28 -17.09
C THR A 276 -24.93 7.18 -17.11
N SER A 277 -24.21 7.04 -15.98
CA SER A 277 -23.27 5.92 -15.84
C SER A 277 -23.94 4.57 -16.06
N ASP A 278 -25.25 4.44 -15.75
CA ASP A 278 -25.96 3.16 -15.99
C ASP A 278 -25.86 2.71 -17.45
N ASP A 279 -25.84 3.67 -18.39
CA ASP A 279 -25.81 3.35 -19.82
C ASP A 279 -24.39 3.29 -20.38
N LEU A 280 -23.46 4.01 -19.77
CA LEU A 280 -22.12 4.18 -20.35
C LEU A 280 -21.38 2.87 -20.51
N PHE A 281 -21.48 1.97 -19.52
CA PHE A 281 -20.53 0.86 -19.45
C PHE A 281 -20.87 -0.27 -20.42
N SER A 282 -22.03 -0.24 -21.07
CA SER A 282 -22.35 -1.18 -22.15
C SER A 282 -22.65 -0.48 -23.46
N LEU A 283 -22.35 0.81 -23.58
CA LEU A 283 -22.72 1.57 -24.77
C LEU A 283 -22.05 0.99 -26.01
N PRO A 284 -22.80 0.74 -27.09
CA PRO A 284 -22.21 0.05 -28.25
C PRO A 284 -21.29 0.93 -29.12
N TYR A 285 -21.37 2.24 -28.99
CA TYR A 285 -20.55 3.19 -29.74
C TYR A 285 -19.74 4.06 -28.77
N PHE A 286 -18.62 4.59 -29.26
CA PHE A 286 -17.83 5.54 -28.46
C PHE A 286 -18.64 6.82 -28.28
N PRO A 287 -18.71 7.38 -27.06
CA PRO A 287 -19.49 8.61 -26.86
C PRO A 287 -19.09 9.78 -27.76
N GLY A 288 -17.84 9.85 -28.21
CA GLY A 288 -17.43 10.99 -29.03
C GLY A 288 -17.21 12.25 -28.19
N LYS A 289 -17.47 13.41 -28.80
CA LYS A 289 -17.36 14.67 -28.07
C LYS A 289 -18.42 14.72 -26.97
N THR A 290 -17.97 14.79 -25.71
CA THR A 290 -18.82 14.47 -24.58
C THR A 290 -18.87 15.63 -23.60
N LEU A 291 -20.06 15.90 -23.05
CA LEU A 291 -20.23 16.78 -21.90
C LEU A 291 -20.62 15.94 -20.70
N VAL A 292 -19.86 16.04 -19.61
CA VAL A 292 -20.24 15.44 -18.34
C VAL A 292 -20.74 16.57 -17.44
N ILE A 293 -21.99 16.45 -16.99
CA ILE A 293 -22.61 17.45 -16.11
C ILE A 293 -22.51 16.92 -14.68
N GLY A 294 -21.77 17.63 -13.82
CA GLY A 294 -21.55 17.19 -12.45
C GLY A 294 -20.09 17.18 -12.09
N ALA A 295 -19.83 16.89 -10.80
CA ALA A 295 -18.48 17.09 -10.27
C ALA A 295 -18.16 16.13 -9.12
N SER A 296 -18.97 15.07 -8.97
CA SER A 296 -18.74 13.96 -8.05
C SER A 296 -17.55 13.12 -8.53
N TYR A 297 -17.15 12.13 -7.72
CA TYR A 297 -16.09 11.24 -8.18
C TYR A 297 -16.51 10.43 -9.41
N VAL A 298 -17.79 10.08 -9.53
CA VAL A 298 -18.30 9.42 -10.74
C VAL A 298 -18.08 10.31 -11.95
N ALA A 299 -18.41 11.61 -11.83
CA ALA A 299 -18.26 12.53 -12.96
C ALA A 299 -16.81 12.63 -13.41
N LEU A 300 -15.90 12.84 -12.46
CA LEU A 300 -14.50 13.07 -12.81
C LEU A 300 -13.81 11.77 -13.25
N GLU A 301 -14.15 10.63 -12.64
CA GLU A 301 -13.57 9.37 -13.11
C GLU A 301 -13.93 9.09 -14.56
N CYS A 302 -15.23 9.24 -14.91
CA CYS A 302 -15.67 8.99 -16.29
C CYS A 302 -15.07 9.99 -17.27
N ALA A 303 -15.08 11.29 -16.93
CA ALA A 303 -14.45 12.29 -17.79
C ALA A 303 -12.97 11.96 -18.03
N GLY A 304 -12.28 11.51 -16.98
CA GLY A 304 -10.86 11.24 -17.10
C GLY A 304 -10.54 10.11 -18.06
N PHE A 305 -11.23 8.97 -17.95
CA PHE A 305 -10.87 7.88 -18.86
C PHE A 305 -11.37 8.15 -20.28
N LEU A 306 -12.48 8.88 -20.44
CA LEU A 306 -12.92 9.19 -21.80
C LEU A 306 -11.89 10.06 -22.51
N ALA A 307 -11.28 11.01 -21.79
CA ALA A 307 -10.21 11.83 -22.38
C ALA A 307 -9.00 10.98 -22.75
N SER A 308 -8.59 10.05 -21.88
CA SER A 308 -7.44 9.20 -22.17
C SER A 308 -7.68 8.28 -23.35
N LEU A 309 -8.93 7.89 -23.59
CA LEU A 309 -9.28 7.02 -24.70
C LEU A 309 -9.51 7.79 -26.00
N GLY A 310 -9.14 9.08 -26.04
CA GLY A 310 -9.20 9.87 -27.26
C GLY A 310 -10.39 10.80 -27.43
N GLY A 311 -11.21 10.97 -26.40
CA GLY A 311 -12.38 11.82 -26.54
C GLY A 311 -12.09 13.29 -26.23
N ASP A 312 -12.90 14.16 -26.84
CA ASP A 312 -12.96 15.60 -26.57
C ASP A 312 -13.98 15.79 -25.45
N VAL A 313 -13.51 16.02 -24.21
CA VAL A 313 -14.37 15.96 -23.04
C VAL A 313 -14.39 17.30 -22.32
N THR A 314 -15.60 17.72 -21.90
CA THR A 314 -15.82 18.90 -21.07
C THR A 314 -16.63 18.52 -19.84
N VAL A 315 -16.29 19.10 -18.68
CA VAL A 315 -17.00 18.90 -17.41
C VAL A 315 -17.66 20.21 -16.99
N MET A 316 -19.00 20.19 -16.80
CA MET A 316 -19.77 21.35 -16.32
C MET A 316 -19.94 21.30 -14.81
N VAL A 317 -19.31 22.24 -14.09
CA VAL A 317 -19.22 22.21 -12.62
C VAL A 317 -20.11 23.31 -12.05
N ARG A 318 -21.13 22.91 -11.27
CA ARG A 318 -22.03 23.90 -10.66
C ARG A 318 -21.32 24.80 -9.66
N SER A 319 -20.49 24.23 -8.79
CA SER A 319 -19.79 25.02 -7.79
C SER A 319 -18.36 24.54 -7.60
N ILE A 320 -18.15 23.47 -6.84
CA ILE A 320 -16.81 22.96 -6.56
C ILE A 320 -16.67 21.51 -7.02
N LEU A 321 -15.41 21.06 -7.15
CA LEU A 321 -15.10 19.65 -7.43
C LEU A 321 -15.10 18.84 -6.14
N LEU A 322 -15.65 17.61 -6.21
CA LEU A 322 -15.54 16.64 -5.12
C LEU A 322 -15.98 17.22 -3.77
N ARG A 323 -17.17 17.83 -3.75
CA ARG A 323 -17.71 18.33 -2.49
C ARG A 323 -17.75 17.20 -1.45
N GLY A 324 -17.27 17.50 -0.25
CA GLY A 324 -17.15 16.49 0.79
C GLY A 324 -15.74 15.94 0.99
N PHE A 325 -14.87 16.07 0.00
CA PHE A 325 -13.46 15.70 0.09
C PHE A 325 -12.61 16.93 0.39
N ASP A 326 -11.41 16.68 0.92
CA ASP A 326 -10.39 17.71 1.11
C ASP A 326 -10.22 18.56 -0.16
N GLN A 327 -10.45 19.86 -0.02
CA GLN A 327 -10.52 20.72 -1.19
C GLN A 327 -9.17 21.12 -1.78
N GLN A 328 -8.10 21.16 -0.99
CA GLN A 328 -6.77 21.26 -1.60
C GLN A 328 -6.51 20.06 -2.52
N MET A 329 -6.82 18.86 -2.04
CA MET A 329 -6.62 17.68 -2.87
C MET A 329 -7.52 17.69 -4.11
N ALA A 330 -8.79 18.10 -3.95
CA ALA A 330 -9.70 18.14 -5.09
C ALA A 330 -9.20 19.08 -6.18
N GLU A 331 -8.67 20.25 -5.79
CA GLU A 331 -8.13 21.19 -6.77
C GLU A 331 -6.90 20.61 -7.48
N LYS A 332 -6.06 19.85 -6.77
CA LYS A 332 -4.91 19.22 -7.41
C LYS A 332 -5.36 18.13 -8.39
N VAL A 333 -6.43 17.39 -8.05
CA VAL A 333 -6.97 16.38 -8.96
C VAL A 333 -7.44 17.03 -10.26
N GLY A 334 -8.20 18.12 -10.13
CA GLY A 334 -8.75 18.78 -11.31
C GLY A 334 -7.67 19.44 -12.16
N ASP A 335 -6.65 20.01 -11.51
CA ASP A 335 -5.55 20.64 -12.24
C ASP A 335 -4.81 19.63 -13.12
N TYR A 336 -4.60 18.41 -12.62
CA TYR A 336 -3.95 17.37 -13.43
C TYR A 336 -4.81 17.01 -14.63
N MET A 337 -6.12 16.87 -14.42
CA MET A 337 -7.00 16.52 -15.54
C MET A 337 -7.01 17.62 -16.58
N GLU A 338 -6.95 18.88 -16.15
CA GLU A 338 -6.98 19.99 -17.09
C GLU A 338 -5.71 20.03 -17.93
N ASN A 339 -4.55 19.68 -17.34
CA ASN A 339 -3.32 19.60 -18.12
C ASN A 339 -3.25 18.37 -18.99
N HIS A 340 -4.11 17.37 -18.78
CA HIS A 340 -4.13 16.15 -19.60
C HIS A 340 -5.47 15.98 -20.33
N GLY A 341 -5.98 17.09 -20.86
CA GLY A 341 -6.97 17.04 -21.91
C GLY A 341 -8.43 17.15 -21.53
N VAL A 342 -8.76 17.47 -20.29
CA VAL A 342 -10.15 17.66 -19.89
C VAL A 342 -10.42 19.16 -19.79
N LYS A 343 -11.50 19.63 -20.42
CA LYS A 343 -11.90 21.03 -20.29
C LYS A 343 -12.97 21.17 -19.20
N PHE A 344 -12.98 22.33 -18.53
CA PHE A 344 -13.94 22.57 -17.45
C PHE A 344 -14.72 23.85 -17.72
N ALA A 345 -16.05 23.77 -17.64
CA ALA A 345 -16.91 24.95 -17.62
C ALA A 345 -17.39 25.16 -16.19
N LYS A 346 -16.77 26.11 -15.50
CA LYS A 346 -16.92 26.31 -14.07
C LYS A 346 -18.05 27.29 -13.74
N LEU A 347 -18.68 27.08 -12.58
CA LEU A 347 -19.81 27.89 -12.10
C LEU A 347 -20.91 27.95 -13.14
N CYS A 348 -21.35 26.78 -13.61
CA CYS A 348 -22.22 26.68 -14.77
C CYS A 348 -23.21 25.54 -14.59
N VAL A 349 -24.40 25.73 -15.17
CA VAL A 349 -25.54 24.84 -14.97
C VAL A 349 -26.31 24.71 -16.27
N PRO A 350 -26.88 23.52 -16.53
CA PRO A 350 -27.66 23.35 -17.78
C PRO A 350 -29.11 23.75 -17.65
N ASP A 351 -29.66 24.26 -18.76
CA ASP A 351 -31.05 24.71 -18.88
C ASP A 351 -31.90 23.83 -19.80
N GLU A 352 -31.34 23.33 -20.90
CA GLU A 352 -32.11 22.44 -21.77
C GLU A 352 -31.18 21.68 -22.71
N ILE A 353 -31.62 20.50 -23.14
CA ILE A 353 -30.95 19.66 -24.12
C ILE A 353 -31.87 19.56 -25.34
N LYS A 354 -31.38 19.96 -26.51
CA LYS A 354 -32.15 19.87 -27.76
C LYS A 354 -31.47 18.87 -28.71
N GLN A 355 -32.28 18.06 -29.40
CA GLN A 355 -31.73 17.02 -30.27
C GLN A 355 -31.49 17.54 -31.68
N LEU A 356 -30.27 17.37 -32.16
CA LEU A 356 -29.88 17.72 -33.53
C LEU A 356 -29.77 16.49 -34.44
N LYS A 357 -29.39 15.34 -33.88
CA LYS A 357 -29.30 14.08 -34.61
C LYS A 357 -29.70 12.94 -33.68
N VAL A 358 -30.57 12.06 -34.19
CA VAL A 358 -30.91 10.80 -33.51
C VAL A 358 -29.70 9.88 -33.50
N VAL A 359 -29.58 9.04 -32.45
CA VAL A 359 -28.51 8.05 -32.40
C VAL A 359 -28.59 7.15 -33.64
N ASP A 360 -27.44 6.93 -34.29
CA ASP A 360 -27.36 6.21 -35.56
C ASP A 360 -27.08 4.74 -35.25
N THR A 361 -28.15 3.96 -35.11
CA THR A 361 -27.99 2.53 -34.90
C THR A 361 -27.54 1.82 -36.18
N GLU A 362 -27.75 2.42 -37.35
CA GLU A 362 -27.33 1.79 -38.60
C GLU A 362 -25.82 1.71 -38.69
N ASN A 363 -25.14 2.84 -38.45
CA ASN A 363 -23.69 2.94 -38.56
C ASN A 363 -22.98 2.91 -37.20
N ASN A 364 -23.70 2.60 -36.12
CA ASN A 364 -23.16 2.48 -34.75
C ASN A 364 -22.39 3.75 -34.35
N LYS A 365 -23.15 4.83 -34.21
CA LYS A 365 -22.62 6.17 -33.99
C LYS A 365 -23.56 6.92 -33.05
N PRO A 366 -23.03 7.80 -32.19
CA PRO A 366 -23.92 8.65 -31.39
C PRO A 366 -24.69 9.65 -32.24
N GLY A 367 -25.67 10.29 -31.60
CA GLY A 367 -26.40 11.40 -32.20
C GLY A 367 -25.61 12.69 -32.03
N LEU A 368 -26.35 13.78 -31.88
CA LEU A 368 -25.77 15.11 -31.68
C LEU A 368 -26.80 15.97 -30.96
N LEU A 369 -26.32 16.79 -30.00
CA LEU A 369 -27.16 17.51 -29.06
C LEU A 369 -26.69 18.94 -28.93
N LEU A 370 -27.63 19.87 -28.77
CA LEU A 370 -27.31 21.25 -28.43
C LEU A 370 -27.63 21.44 -26.95
N VAL A 371 -26.63 21.88 -26.17
CA VAL A 371 -26.78 22.10 -24.73
C VAL A 371 -26.78 23.60 -24.48
N LYS A 372 -27.84 24.08 -23.83
CA LYS A 372 -27.92 25.47 -23.41
C LYS A 372 -27.87 25.52 -21.89
N GLY A 373 -27.11 26.47 -21.35
CA GLY A 373 -27.02 26.66 -19.92
C GLY A 373 -26.67 28.11 -19.61
N HIS A 374 -26.30 28.35 -18.35
CA HIS A 374 -25.84 29.68 -17.96
C HIS A 374 -24.89 29.60 -16.77
N TYR A 375 -23.95 30.55 -16.74
CA TYR A 375 -23.02 30.78 -15.63
C TYR A 375 -23.69 31.57 -14.52
N THR A 376 -23.09 31.55 -13.32
CA THR A 376 -23.72 32.17 -12.16
C THR A 376 -23.84 33.68 -12.32
N ASP A 377 -23.02 34.29 -13.16
CA ASP A 377 -23.17 35.71 -13.44
C ASP A 377 -24.22 36.00 -14.52
N GLY A 378 -24.88 34.98 -15.08
CA GLY A 378 -25.89 35.19 -16.07
C GLY A 378 -25.44 35.03 -17.51
N LYS A 379 -24.13 35.01 -17.77
CA LYS A 379 -23.64 34.77 -19.13
C LYS A 379 -24.14 33.42 -19.63
N LYS A 380 -24.31 33.31 -20.94
CA LYS A 380 -24.91 32.12 -21.53
C LYS A 380 -23.86 31.10 -21.95
N PHE A 381 -24.26 29.83 -21.87
CA PHE A 381 -23.49 28.70 -22.36
C PHE A 381 -24.28 28.07 -23.50
N GLU A 382 -23.62 27.82 -24.64
CA GLU A 382 -24.29 27.11 -25.74
C GLU A 382 -23.25 26.40 -26.59
N GLU A 383 -23.32 25.06 -26.62
CA GLU A 383 -22.34 24.26 -27.36
C GLU A 383 -22.98 22.94 -27.77
N GLU A 384 -22.46 22.35 -28.85
CA GLU A 384 -22.91 21.05 -29.37
C GLU A 384 -22.01 19.92 -28.87
N PHE A 385 -22.64 18.79 -28.52
CA PHE A 385 -21.95 17.58 -28.07
C PHE A 385 -22.63 16.35 -28.67
N GLU A 386 -21.84 15.29 -28.90
CA GLU A 386 -22.41 14.02 -29.35
C GLU A 386 -23.07 13.25 -28.21
N THR A 387 -22.50 13.29 -27.00
CA THR A 387 -23.04 12.59 -25.84
C THR A 387 -23.08 13.55 -24.64
N VAL A 388 -24.16 13.49 -23.86
CA VAL A 388 -24.31 14.25 -22.61
C VAL A 388 -24.53 13.25 -21.49
N ILE A 389 -23.62 13.20 -20.50
CA ILE A 389 -23.71 12.30 -19.35
C ILE A 389 -24.03 13.08 -18.09
N PHE A 390 -25.12 12.70 -17.40
CA PHE A 390 -25.50 13.34 -16.15
C PHE A 390 -24.92 12.53 -15.00
N ALA A 391 -24.12 13.19 -14.15
CA ALA A 391 -23.58 12.62 -12.91
C ALA A 391 -23.81 13.64 -11.80
N VAL A 392 -25.08 13.81 -11.44
CA VAL A 392 -25.51 14.85 -10.49
C VAL A 392 -26.08 14.21 -9.23
N GLY A 393 -25.60 13.02 -8.87
CA GLY A 393 -26.00 12.38 -7.64
C GLY A 393 -26.86 11.14 -7.89
N ARG A 394 -27.10 10.41 -6.79
CA ARG A 394 -27.85 9.16 -6.79
C ARG A 394 -28.86 9.19 -5.64
N GLU A 395 -29.96 8.47 -5.80
CA GLU A 395 -31.04 8.50 -4.81
C GLU A 395 -31.71 7.14 -4.69
N PRO A 396 -32.22 6.79 -3.51
CA PRO A 396 -33.07 5.61 -3.40
C PRO A 396 -34.47 6.03 -3.83
N GLN A 397 -35.30 5.06 -4.09
CA GLN A 397 -36.71 5.34 -4.36
C GLN A 397 -37.52 4.35 -3.53
N LEU A 398 -37.41 4.48 -2.20
CA LEU A 398 -37.96 3.49 -1.28
C LEU A 398 -39.50 3.49 -1.28
N SER A 399 -40.14 4.51 -1.85
CA SER A 399 -41.59 4.47 -2.05
C SER A 399 -42.02 3.24 -2.81
N LYS A 400 -41.20 2.80 -3.78
CA LYS A 400 -41.51 1.61 -4.54
C LYS A 400 -41.30 0.34 -3.72
N VAL A 401 -40.34 0.38 -2.79
CA VAL A 401 -39.92 -0.81 -2.06
C VAL A 401 -40.73 -1.07 -0.79
N LEU A 402 -41.34 -0.03 -0.23
CA LEU A 402 -41.76 0.00 1.17
C LEU A 402 -43.11 0.69 1.25
N CYS A 403 -44.16 -0.05 1.65
CA CYS A 403 -45.42 0.61 1.97
C CYS A 403 -45.25 1.48 3.22
N GLU A 404 -45.77 2.71 3.16
CA GLU A 404 -45.64 3.61 4.30
C GLU A 404 -46.32 3.08 5.56
N THR A 405 -47.31 2.20 5.41
CA THR A 405 -48.02 1.66 6.57
C THR A 405 -47.19 0.65 7.36
N VAL A 406 -46.04 0.22 6.85
CA VAL A 406 -45.21 -0.72 7.61
C VAL A 406 -44.57 -0.03 8.81
N GLY A 407 -44.27 1.26 8.70
CA GLY A 407 -43.71 2.00 9.81
C GLY A 407 -42.20 2.11 9.85
N VAL A 408 -41.53 1.93 8.71
CA VAL A 408 -40.07 2.08 8.62
C VAL A 408 -39.74 3.55 8.42
N LYS A 409 -38.98 4.12 9.34
CA LYS A 409 -38.69 5.56 9.33
C LYS A 409 -37.63 5.90 8.28
N LEU A 410 -37.89 6.93 7.48
CA LEU A 410 -36.93 7.50 6.54
C LEU A 410 -36.55 8.91 6.95
N ASP A 411 -35.33 9.33 6.56
CA ASP A 411 -34.84 10.67 6.85
C ASP A 411 -35.27 11.61 5.72
N LYS A 412 -34.78 12.87 5.75
CA LYS A 412 -35.28 13.86 4.79
C LYS A 412 -34.80 13.62 3.37
N ASN A 413 -33.81 12.76 3.17
CA ASN A 413 -33.37 12.39 1.84
C ASN A 413 -33.90 11.04 1.39
N GLY A 414 -34.80 10.44 2.17
CA GLY A 414 -35.41 9.19 1.77
C GLY A 414 -34.60 7.95 2.09
N ARG A 415 -33.59 8.04 2.96
CA ARG A 415 -32.78 6.90 3.40
C ARG A 415 -33.27 6.38 4.75
N VAL A 416 -32.95 5.12 5.05
CA VAL A 416 -33.53 4.43 6.21
C VAL A 416 -32.76 4.78 7.48
N VAL A 417 -33.48 5.21 8.52
CA VAL A 417 -32.86 5.54 9.80
C VAL A 417 -32.67 4.26 10.63
N CYS A 418 -31.42 3.91 10.93
CA CYS A 418 -31.11 2.67 11.64
C CYS A 418 -30.33 2.93 12.92
N THR A 419 -30.44 1.98 13.85
CA THR A 419 -29.54 1.98 14.99
C THR A 419 -28.21 1.33 14.59
N ASP A 420 -27.27 1.25 15.53
CA ASP A 420 -25.90 0.86 15.21
C ASP A 420 -25.75 -0.63 14.95
N ASP A 421 -26.86 -1.39 14.99
CA ASP A 421 -26.92 -2.80 14.61
C ASP A 421 -27.74 -2.99 13.34
N GLU A 422 -27.95 -1.93 12.55
CA GLU A 422 -28.70 -1.88 11.31
C GLU A 422 -30.20 -2.11 11.47
N GLN A 423 -30.73 -2.11 12.68
CA GLN A 423 -32.16 -2.30 12.89
C GLN A 423 -32.96 -1.04 12.56
N THR A 424 -34.07 -1.20 11.82
CA THR A 424 -34.95 -0.10 11.47
C THR A 424 -35.90 0.14 12.65
N THR A 425 -36.90 1.02 12.44
CA THR A 425 -37.91 1.22 13.48
C THR A 425 -38.91 0.06 13.58
N VAL A 426 -38.81 -0.96 12.72
CA VAL A 426 -39.62 -2.18 12.82
C VAL A 426 -38.66 -3.31 13.18
N SER A 427 -39.00 -4.06 14.25
CA SER A 427 -37.98 -4.78 15.02
C SER A 427 -37.34 -5.93 14.23
N ASN A 428 -38.05 -6.52 13.27
CA ASN A 428 -37.51 -7.63 12.49
C ASN A 428 -36.93 -7.21 11.16
N VAL A 429 -36.92 -5.91 10.85
CA VAL A 429 -36.51 -5.38 9.55
C VAL A 429 -35.21 -4.60 9.72
N TYR A 430 -34.24 -4.83 8.83
CA TYR A 430 -32.89 -4.26 8.90
C TYR A 430 -32.56 -3.63 7.55
N ALA A 431 -31.61 -2.70 7.51
CA ALA A 431 -31.21 -2.09 6.23
C ALA A 431 -29.69 -1.98 6.17
N ILE A 432 -29.13 -2.27 4.98
CA ILE A 432 -27.68 -2.25 4.78
C ILE A 432 -27.33 -1.59 3.45
N GLY A 433 -26.07 -1.15 3.33
CA GLY A 433 -25.61 -0.59 2.08
C GLY A 433 -26.00 0.88 1.88
N ASP A 434 -26.14 1.28 0.61
CA ASP A 434 -26.28 2.70 0.32
C ASP A 434 -27.55 3.32 0.91
N ILE A 435 -28.61 2.54 1.17
CA ILE A 435 -29.84 3.12 1.70
C ILE A 435 -29.81 3.34 3.20
N ASN A 436 -28.75 2.93 3.91
CA ASN A 436 -28.64 3.13 5.36
C ASN A 436 -28.17 4.56 5.61
N ALA A 437 -29.02 5.40 6.22
CA ALA A 437 -28.73 6.83 6.31
C ALA A 437 -27.44 7.09 7.08
N GLY A 438 -26.63 8.01 6.56
CA GLY A 438 -25.42 8.46 7.25
C GLY A 438 -24.18 7.58 7.11
N LYS A 439 -24.28 6.41 6.42
CA LYS A 439 -23.09 5.57 6.30
C LYS A 439 -22.34 5.86 5.01
N PRO A 440 -21.02 5.61 4.99
CA PRO A 440 -20.27 5.72 3.72
C PRO A 440 -20.85 4.76 2.69
N GLN A 441 -21.03 5.28 1.47
CA GLN A 441 -21.71 4.52 0.39
C GLN A 441 -20.64 3.85 -0.48
N LEU A 442 -20.15 2.70 0.00
CA LEU A 442 -19.02 1.98 -0.61
C LEU A 442 -19.28 0.48 -0.55
N THR A 443 -18.75 -0.25 -1.54
CA THR A 443 -19.03 -1.68 -1.62
C THR A 443 -18.47 -2.47 -0.43
N PRO A 444 -17.22 -2.29 0.02
CA PRO A 444 -16.75 -3.10 1.17
C PRO A 444 -17.47 -2.79 2.46
N VAL A 445 -18.05 -1.58 2.59
CA VAL A 445 -18.86 -1.27 3.75
C VAL A 445 -20.16 -2.07 3.73
N ALA A 446 -20.81 -2.15 2.55
CA ALA A 446 -22.05 -2.91 2.42
C ALA A 446 -21.80 -4.40 2.68
N ILE A 447 -20.68 -4.92 2.18
CA ILE A 447 -20.35 -6.33 2.39
C ILE A 447 -20.08 -6.64 3.87
N GLN A 448 -19.27 -5.82 4.54
CA GLN A 448 -19.02 -6.02 5.97
C GLN A 448 -20.33 -5.92 6.78
N ALA A 449 -21.17 -4.92 6.48
CA ALA A 449 -22.41 -4.77 7.24
C ALA A 449 -23.30 -6.00 7.06
N GLY A 450 -23.43 -6.46 5.82
CA GLY A 450 -24.29 -7.62 5.56
C GLY A 450 -23.80 -8.88 6.24
N ARG A 451 -22.48 -9.18 6.14
CA ARG A 451 -21.95 -10.39 6.75
C ARG A 451 -22.04 -10.35 8.27
N TYR A 452 -21.67 -9.21 8.87
CA TYR A 452 -21.68 -9.13 10.33
C TYR A 452 -23.10 -9.18 10.87
N LEU A 453 -24.07 -8.59 10.16
CA LEU A 453 -25.46 -8.66 10.58
C LEU A 453 -25.97 -10.10 10.54
N ALA A 454 -25.68 -10.81 9.45
CA ALA A 454 -26.10 -12.21 9.34
C ALA A 454 -25.59 -13.04 10.52
N ARG A 455 -24.32 -12.82 10.93
CA ARG A 455 -23.76 -13.54 12.08
C ARG A 455 -24.47 -13.18 13.38
N ARG A 456 -24.83 -11.92 13.59
CA ARG A 456 -25.57 -11.58 14.81
C ARG A 456 -26.96 -12.19 14.83
N LEU A 457 -27.65 -12.19 13.69
CA LEU A 457 -29.01 -12.73 13.65
C LEU A 457 -29.02 -14.23 13.83
N PHE A 458 -28.10 -14.94 13.19
CA PHE A 458 -28.23 -16.38 13.07
C PHE A 458 -27.12 -17.19 13.74
N ALA A 459 -26.09 -16.54 14.30
CA ALA A 459 -25.01 -17.28 14.95
C ALA A 459 -24.64 -16.73 16.33
N GLY A 460 -25.45 -15.83 16.90
CA GLY A 460 -25.16 -15.31 18.22
C GLY A 460 -24.00 -14.35 18.32
N ALA A 461 -23.53 -13.81 17.20
CA ALA A 461 -22.42 -12.88 17.24
C ALA A 461 -22.86 -11.57 17.90
N THR A 462 -21.89 -10.84 18.47
CA THR A 462 -22.16 -9.51 18.99
C THR A 462 -21.42 -8.40 18.25
N GLU A 463 -20.49 -8.73 17.36
CA GLU A 463 -19.63 -7.71 16.76
C GLU A 463 -20.41 -6.81 15.81
N LEU A 464 -20.26 -5.49 15.97
CA LEU A 464 -20.87 -4.49 15.12
C LEU A 464 -19.89 -4.05 14.03
N THR A 465 -20.44 -3.47 12.96
CA THR A 465 -19.62 -2.85 11.92
C THR A 465 -19.12 -1.48 12.40
N ASP A 466 -17.83 -1.19 12.17
CA ASP A 466 -17.22 0.09 12.51
C ASP A 466 -17.16 0.93 11.25
N TYR A 467 -17.94 2.02 11.21
CA TYR A 467 -18.06 2.88 10.04
C TYR A 467 -17.15 4.11 10.08
N SER A 468 -16.23 4.20 11.06
CA SER A 468 -15.36 5.38 11.19
C SER A 468 -14.04 5.19 10.46
N ASN A 469 -13.51 6.29 9.90
CA ASN A 469 -12.21 6.31 9.22
C ASN A 469 -12.12 5.25 8.11
N VAL A 470 -13.19 5.11 7.33
CA VAL A 470 -13.18 4.17 6.19
C VAL A 470 -12.43 4.82 5.03
N ALA A 471 -11.39 4.16 4.54
CA ALA A 471 -10.56 4.73 3.48
C ALA A 471 -11.29 4.71 2.15
N THR A 472 -10.91 5.66 1.28
CA THR A 472 -11.48 5.82 -0.06
C THR A 472 -10.36 5.95 -1.10
N THR A 473 -10.70 5.68 -2.36
CA THR A 473 -9.82 6.07 -3.47
C THR A 473 -10.66 6.51 -4.66
N VAL A 474 -10.33 7.69 -5.20
CA VAL A 474 -10.94 8.25 -6.40
C VAL A 474 -10.04 7.90 -7.58
N PHE A 475 -10.58 7.18 -8.57
CA PHE A 475 -9.76 6.66 -9.66
C PHE A 475 -9.76 7.59 -10.89
N THR A 476 -9.40 8.86 -10.64
CA THR A 476 -9.11 9.82 -11.67
C THR A 476 -7.76 9.51 -12.34
N PRO A 477 -7.44 10.15 -13.48
CA PRO A 477 -6.19 9.80 -14.20
C PRO A 477 -4.95 9.79 -13.32
N LEU A 478 -4.78 10.79 -12.46
CA LEU A 478 -3.89 10.65 -11.30
C LEU A 478 -4.78 10.40 -10.09
N GLU A 479 -4.56 9.25 -9.41
CA GLU A 479 -5.50 8.75 -8.39
C GLU A 479 -5.32 9.47 -7.05
N TYR A 480 -6.41 9.53 -6.27
CA TYR A 480 -6.42 10.23 -4.98
C TYR A 480 -6.94 9.28 -3.88
N GLY A 481 -6.07 8.90 -2.94
CA GLY A 481 -6.45 8.03 -1.83
C GLY A 481 -6.48 8.81 -0.52
N ALA A 482 -7.42 8.47 0.36
CA ALA A 482 -7.59 9.22 1.60
C ALA A 482 -8.10 8.31 2.72
N CYS A 483 -7.72 8.62 3.96
CA CYS A 483 -8.27 7.92 5.12
C CYS A 483 -8.37 8.90 6.28
N GLY A 484 -9.59 9.17 6.73
CA GLY A 484 -9.82 10.05 7.87
C GLY A 484 -10.26 11.46 7.48
N LEU A 485 -9.94 12.46 8.31
CA LEU A 485 -10.48 13.80 8.13
C LEU A 485 -9.73 14.60 7.05
N SER A 486 -10.49 15.42 6.33
CA SER A 486 -9.88 16.49 5.55
C SER A 486 -9.22 17.52 6.48
N GLU A 487 -8.29 18.29 5.91
CA GLU A 487 -7.61 19.32 6.69
C GLU A 487 -8.60 20.35 7.23
N GLU A 488 -9.57 20.77 6.39
CA GLU A 488 -10.52 21.79 6.85
C GLU A 488 -11.48 21.25 7.92
N ASP A 489 -11.90 19.98 7.82
CA ASP A 489 -12.70 19.39 8.90
C ASP A 489 -11.92 19.25 10.22
N ALA A 490 -10.61 18.97 10.14
CA ALA A 490 -9.82 18.87 11.37
C ALA A 490 -9.71 20.23 12.05
N ILE A 491 -9.48 21.28 11.27
CA ILE A 491 -9.35 22.62 11.83
C ILE A 491 -10.68 23.09 12.42
N GLU A 492 -11.78 22.82 11.72
CA GLU A 492 -13.10 23.20 12.26
C GLU A 492 -13.36 22.53 13.60
N LYS A 493 -12.99 21.24 13.72
CA LYS A 493 -13.27 20.48 14.93
C LYS A 493 -12.38 20.90 16.10
N TYR A 494 -11.08 21.09 15.86
CA TYR A 494 -10.11 21.26 16.94
C TYR A 494 -9.44 22.62 17.01
N GLY A 495 -9.63 23.48 16.00
CA GLY A 495 -8.95 24.76 15.99
C GLY A 495 -7.60 24.72 15.32
N ASP A 496 -7.27 25.81 14.63
CA ASP A 496 -6.04 25.88 13.85
C ASP A 496 -4.80 25.68 14.72
N LYS A 497 -4.79 26.19 15.94
CA LYS A 497 -3.60 26.08 16.78
C LYS A 497 -3.32 24.65 17.24
N ASP A 498 -4.31 23.76 17.20
CA ASP A 498 -4.13 22.38 17.63
C ASP A 498 -3.87 21.42 16.46
N ILE A 499 -3.72 21.94 15.24
CA ILE A 499 -3.53 21.11 14.04
C ILE A 499 -2.14 21.39 13.47
N GLU A 500 -1.37 20.32 13.23
CA GLU A 500 -0.09 20.35 12.54
C GLU A 500 -0.20 19.49 11.28
N VAL A 501 0.26 20.01 10.14
CA VAL A 501 0.17 19.32 8.85
C VAL A 501 1.56 19.12 8.26
N TYR A 502 1.95 17.86 8.06
CA TYR A 502 3.20 17.51 7.40
C TYR A 502 2.91 17.20 5.93
N HIS A 503 3.76 17.68 5.01
CA HIS A 503 3.48 17.40 3.60
C HIS A 503 4.76 17.36 2.76
N SER A 504 4.64 16.75 1.57
CA SER A 504 5.75 16.67 0.61
C SER A 504 5.20 16.40 -0.79
N ASN A 505 5.87 16.98 -1.79
CA ASN A 505 5.74 16.44 -3.15
C ASN A 505 6.63 15.21 -3.31
N PHE A 506 6.38 14.45 -4.38
CA PHE A 506 7.25 13.33 -4.72
C PHE A 506 7.17 13.06 -6.22
N LYS A 507 8.14 12.29 -6.73
CA LYS A 507 8.13 11.87 -8.13
C LYS A 507 8.31 10.36 -8.18
N PRO A 508 7.38 9.61 -8.77
CA PRO A 508 7.59 8.16 -8.93
C PRO A 508 8.85 7.90 -9.75
N LEU A 509 9.64 6.90 -9.33
CA LEU A 509 10.83 6.55 -10.11
C LEU A 509 10.48 6.24 -11.57
N GLU A 510 9.33 5.61 -11.78
CA GLU A 510 8.88 5.24 -13.12
C GLU A 510 8.70 6.45 -14.03
N TRP A 511 8.54 7.64 -13.45
CA TRP A 511 8.33 8.86 -14.22
C TRP A 511 9.63 9.55 -14.65
N THR A 512 10.79 9.09 -14.17
CA THR A 512 12.04 9.80 -14.46
C THR A 512 12.49 9.59 -15.91
N VAL A 513 12.74 8.34 -16.29
CA VAL A 513 13.13 8.00 -17.65
C VAL A 513 12.02 8.34 -18.65
N ALA A 514 10.76 8.29 -18.22
CA ALA A 514 9.61 8.69 -19.05
C ALA A 514 9.41 10.20 -19.16
N HIS A 515 10.23 11.02 -18.48
CA HIS A 515 10.17 12.48 -18.61
C HIS A 515 8.80 13.07 -18.24
N ARG A 516 8.19 12.56 -17.16
CA ARG A 516 6.94 13.11 -16.68
C ARG A 516 7.19 14.15 -15.57
N GLU A 517 6.13 14.61 -14.89
CA GLU A 517 6.19 15.82 -14.08
C GLU A 517 6.93 15.64 -12.76
N ASP A 518 7.67 16.69 -12.35
CA ASP A 518 8.56 16.62 -11.18
C ASP A 518 7.82 16.78 -9.85
N ASN A 519 6.84 17.68 -9.77
CA ASN A 519 6.25 18.04 -8.47
C ASN A 519 4.72 18.14 -8.56
N VAL A 520 4.09 17.13 -9.16
CA VAL A 520 2.63 17.06 -9.17
C VAL A 520 2.09 16.12 -8.11
N CYS A 521 2.73 14.95 -7.95
CA CYS A 521 2.32 14.03 -6.90
C CYS A 521 2.55 14.68 -5.54
N TYR A 522 1.70 14.35 -4.56
CA TYR A 522 1.64 15.09 -3.30
C TYR A 522 1.03 14.23 -2.20
N MET A 523 1.53 14.40 -0.97
CA MET A 523 0.93 13.71 0.17
C MET A 523 1.04 14.55 1.44
N LYS A 524 0.10 14.34 2.37
CA LYS A 524 0.11 15.06 3.64
C LYS A 524 -0.50 14.21 4.76
N LEU A 525 -0.08 14.51 6.01
CA LEU A 525 -0.65 13.92 7.22
C LEU A 525 -1.16 15.07 8.07
N VAL A 526 -2.44 15.02 8.43
CA VAL A 526 -3.09 16.04 9.25
C VAL A 526 -3.14 15.49 10.68
N CYS A 527 -2.49 16.17 11.64
CA CYS A 527 -2.27 15.62 12.98
C CYS A 527 -2.79 16.56 14.07
N ARG A 528 -3.07 15.99 15.25
CA ARG A 528 -3.55 16.75 16.41
C ARG A 528 -2.44 16.91 17.45
N LYS A 529 -2.00 18.16 17.66
CA LYS A 529 -0.83 18.40 18.51
C LYS A 529 -1.07 17.91 19.95
N SER A 530 -2.22 18.24 20.53
CA SER A 530 -2.46 17.95 21.95
C SER A 530 -2.79 16.48 22.22
N ASP A 531 -2.82 15.62 21.20
CA ASP A 531 -3.09 14.20 21.42
C ASP A 531 -1.91 13.37 20.88
N ASN A 532 -0.70 13.69 21.33
CA ASN A 532 0.52 12.95 20.94
C ASN A 532 0.75 12.97 19.43
N MET A 533 0.29 14.04 18.77
CA MET A 533 0.43 14.24 17.32
C MET A 533 -0.30 13.09 16.58
N ARG A 534 -1.49 12.72 17.07
CA ARG A 534 -2.33 11.69 16.44
C ARG A 534 -2.59 12.00 14.98
N VAL A 535 -2.52 10.97 14.11
CA VAL A 535 -2.88 11.14 12.71
C VAL A 535 -4.41 11.14 12.58
N LEU A 536 -4.97 12.31 12.24
CA LEU A 536 -6.41 12.48 12.00
C LEU A 536 -6.80 12.19 10.55
N GLY A 537 -5.91 12.45 9.60
CA GLY A 537 -6.20 12.24 8.19
C GLY A 537 -4.96 12.07 7.35
N LEU A 538 -5.03 11.15 6.39
CA LEU A 538 -3.93 10.84 5.47
C LEU A 538 -4.43 11.04 4.04
N HIS A 539 -3.61 11.68 3.19
CA HIS A 539 -4.03 12.05 1.82
C HIS A 539 -2.87 11.81 0.85
N VAL A 540 -3.13 11.17 -0.30
CA VAL A 540 -2.07 10.95 -1.29
C VAL A 540 -2.63 11.05 -2.71
N LEU A 541 -1.93 11.83 -3.55
CA LEU A 541 -2.21 11.96 -4.99
C LEU A 541 -1.03 11.37 -5.75
N GLY A 542 -1.27 10.29 -6.49
CA GLY A 542 -0.19 9.61 -7.18
C GLY A 542 -0.65 8.29 -7.77
N PRO A 543 0.23 7.60 -8.49
CA PRO A 543 -0.14 6.28 -9.06
C PRO A 543 -0.38 5.24 -7.98
N ASN A 544 -1.32 4.33 -8.26
CA ASN A 544 -1.59 3.18 -7.37
C ASN A 544 -2.02 3.64 -5.98
N ALA A 545 -2.81 4.73 -5.93
CA ALA A 545 -3.09 5.36 -4.64
C ALA A 545 -3.93 4.49 -3.72
N GLY A 546 -4.74 3.57 -4.27
CA GLY A 546 -5.50 2.67 -3.41
C GLY A 546 -4.61 1.62 -2.78
N GLU A 547 -3.62 1.13 -3.53
CA GLU A 547 -2.64 0.19 -2.96
C GLU A 547 -1.81 0.88 -1.88
N ILE A 548 -1.42 2.13 -2.11
CA ILE A 548 -0.68 2.88 -1.09
C ILE A 548 -1.50 3.02 0.20
N THR A 549 -2.76 3.48 0.06
CA THR A 549 -3.53 3.92 1.22
C THR A 549 -3.97 2.76 2.11
N GLN A 550 -4.29 1.60 1.53
CA GLN A 550 -5.01 0.56 2.29
C GLN A 550 -4.33 0.17 3.60
N GLY A 551 -3.04 -0.15 3.56
CA GLY A 551 -2.39 -0.63 4.77
C GLY A 551 -2.34 0.40 5.89
N TYR A 552 -2.22 1.67 5.54
CA TYR A 552 -2.26 2.69 6.57
C TYR A 552 -3.62 2.78 7.26
N ALA A 553 -4.71 2.30 6.61
CA ALA A 553 -6.01 2.37 7.26
C ALA A 553 -6.05 1.49 8.50
N VAL A 554 -5.26 0.40 8.52
CA VAL A 554 -5.14 -0.42 9.72
C VAL A 554 -4.46 0.36 10.84
N ALA A 555 -3.35 1.04 10.52
CA ALA A 555 -2.61 1.78 11.53
C ALA A 555 -3.42 2.95 12.08
N ILE A 556 -4.21 3.62 11.23
CA ILE A 556 -5.06 4.70 11.71
C ILE A 556 -6.18 4.17 12.61
N LYS A 557 -6.79 3.04 12.23
CA LYS A 557 -7.78 2.40 13.10
C LYS A 557 -7.20 2.14 14.50
N MET A 558 -5.90 1.82 14.58
CA MET A 558 -5.22 1.50 15.83
C MET A 558 -4.74 2.74 16.58
N GLY A 559 -4.95 3.94 16.03
CA GLY A 559 -4.54 5.17 16.69
C GLY A 559 -3.13 5.65 16.38
N ALA A 560 -2.65 5.44 15.17
CA ALA A 560 -1.27 5.82 14.84
C ALA A 560 -1.02 7.30 15.09
N THR A 561 0.20 7.60 15.56
CA THR A 561 0.70 8.96 15.75
C THR A 561 1.79 9.23 14.72
N LYS A 562 2.18 10.51 14.60
CA LYS A 562 3.30 10.82 13.72
C LYS A 562 4.56 10.04 14.11
N ALA A 563 4.79 9.84 15.41
CA ALA A 563 5.97 9.09 15.84
C ALA A 563 5.93 7.66 15.31
N ASP A 564 4.73 7.08 15.18
CA ASP A 564 4.63 5.71 14.67
C ASP A 564 5.06 5.65 13.20
N PHE A 565 4.74 6.69 12.42
CA PHE A 565 5.21 6.76 11.04
C PHE A 565 6.73 6.96 10.99
N ASP A 566 7.28 7.83 11.86
CA ASP A 566 8.72 8.11 11.83
C ASP A 566 9.54 6.87 12.18
N ARG A 567 9.12 6.09 13.20
CA ARG A 567 9.93 4.95 13.61
C ARG A 567 9.85 3.79 12.61
N THR A 568 8.86 3.78 11.73
CA THR A 568 8.76 2.77 10.68
C THR A 568 9.71 3.08 9.53
N ILE A 569 10.40 2.03 9.01
CA ILE A 569 11.38 2.18 7.94
C ILE A 569 10.69 2.01 6.57
N GLY A 570 11.11 2.82 5.60
CA GLY A 570 10.55 2.70 4.26
C GLY A 570 11.06 1.49 3.49
N ILE A 571 10.28 1.15 2.46
CA ILE A 571 10.64 0.23 1.38
C ILE A 571 11.06 1.05 0.18
N HIS A 572 12.26 0.78 -0.36
CA HIS A 572 12.83 1.56 -1.46
C HIS A 572 13.08 0.69 -2.68
N PRO A 573 12.76 1.17 -3.90
CA PRO A 573 12.13 2.44 -4.26
C PRO A 573 10.63 2.29 -4.41
N THR A 574 9.82 3.02 -3.61
CA THR A 574 8.37 3.08 -3.75
C THR A 574 7.90 4.53 -3.61
N CYS A 575 6.64 4.77 -4.04
CA CYS A 575 5.97 6.03 -3.70
C CYS A 575 5.58 6.04 -2.22
N SER A 576 5.10 4.91 -1.70
CA SER A 576 4.53 4.88 -0.35
C SER A 576 5.55 5.24 0.72
N GLU A 577 6.84 4.91 0.52
CA GLU A 577 7.85 5.19 1.56
C GLU A 577 7.94 6.67 1.90
N THR A 578 7.47 7.55 1.04
CA THR A 578 7.55 8.98 1.35
C THR A 578 6.80 9.32 2.65
N PHE A 579 5.79 8.53 3.03
CA PHE A 579 5.08 8.75 4.30
C PHE A 579 5.97 8.49 5.53
N THR A 580 7.06 7.75 5.41
CA THR A 580 7.88 7.40 6.57
C THR A 580 8.93 8.47 6.92
N THR A 581 9.13 9.49 6.08
CA THR A 581 10.17 10.49 6.32
C THR A 581 9.66 11.91 6.19
N LEU A 582 8.35 12.14 6.35
CA LEU A 582 7.82 13.50 6.20
C LEU A 582 8.34 14.39 7.33
N HIS A 583 8.65 15.63 6.98
CA HIS A 583 9.18 16.55 8.00
C HIS A 583 8.79 18.02 7.82
N VAL A 584 8.44 18.45 6.61
CA VAL A 584 8.08 19.85 6.35
C VAL A 584 6.66 20.11 6.85
N THR A 585 6.50 21.10 7.73
CA THR A 585 5.17 21.51 8.20
C THR A 585 4.64 22.68 7.39
N LYS A 586 3.31 22.76 7.29
CA LYS A 586 2.71 23.92 6.62
C LYS A 586 2.97 25.20 7.40
N LYS A 587 2.95 25.14 8.73
CA LYS A 587 3.17 26.37 9.51
C LYS A 587 4.55 26.96 9.29
N SER A 588 5.55 26.13 8.95
CA SER A 588 6.89 26.64 8.72
C SER A 588 6.99 27.47 7.44
N GLY A 589 6.07 27.28 6.48
CA GLY A 589 6.15 27.96 5.20
C GLY A 589 7.21 27.44 4.25
N VAL A 590 7.97 26.41 4.65
CA VAL A 590 8.99 25.84 3.78
C VAL A 590 8.34 25.10 2.61
N SER A 591 8.95 25.22 1.43
CA SER A 591 8.37 24.62 0.22
C SER A 591 8.32 23.09 0.35
N PRO A 592 7.25 22.45 -0.11
CA PRO A 592 7.20 20.97 -0.11
C PRO A 592 7.83 20.30 -1.33
N ILE A 593 8.38 21.06 -2.28
CA ILE A 593 8.93 20.41 -3.47
C ILE A 593 10.23 19.69 -3.12
N VAL A 594 10.56 18.68 -3.92
CA VAL A 594 11.79 17.91 -3.73
C VAL A 594 12.68 17.94 -4.97
N GLY B 7 20.00 8.45 33.33
CA GLY B 7 20.31 9.60 34.15
C GLY B 7 20.32 10.90 33.37
N THR B 8 19.73 11.94 33.95
CA THR B 8 19.78 13.26 33.34
C THR B 8 21.21 13.80 33.27
N SER B 9 22.00 13.58 34.33
CA SER B 9 23.33 14.17 34.34
C SER B 9 24.26 13.48 33.34
N GLN B 10 24.11 12.17 33.14
CA GLN B 10 24.97 11.51 32.15
C GLN B 10 24.58 11.91 30.73
N TRP B 11 23.30 12.15 30.47
CA TRP B 11 22.88 12.66 29.16
C TRP B 11 23.47 14.04 28.90
N LEU B 12 23.38 14.93 29.89
CA LEU B 12 23.88 16.29 29.71
C LEU B 12 25.39 16.30 29.49
N ARG B 13 26.13 15.51 30.27
CA ARG B 13 27.59 15.44 30.09
C ARG B 13 27.95 14.94 28.69
N LYS B 14 27.23 13.92 28.19
CA LYS B 14 27.52 13.40 26.86
C LYS B 14 27.16 14.41 25.77
N THR B 15 26.03 15.11 25.93
CA THR B 15 25.58 16.08 24.94
C THR B 15 26.54 17.27 24.85
N VAL B 16 27.01 17.77 26.00
CA VAL B 16 27.94 18.89 25.99
C VAL B 16 29.28 18.48 25.38
N ASP B 17 29.78 17.30 25.72
CA ASP B 17 31.08 16.90 25.21
C ASP B 17 31.08 16.68 23.70
N SER B 18 29.92 16.33 23.13
CA SER B 18 29.80 15.90 21.74
C SER B 18 29.39 17.00 20.76
N ALA B 19 28.54 17.94 21.18
CA ALA B 19 27.97 18.90 20.23
C ALA B 19 28.99 19.92 19.74
N ALA B 20 28.88 20.30 18.46
CA ALA B 20 29.77 21.30 17.91
C ALA B 20 29.39 22.70 18.39
N VAL B 21 28.14 23.09 18.17
CA VAL B 21 27.58 24.36 18.65
C VAL B 21 26.17 24.06 19.14
N ILE B 22 25.91 24.31 20.43
CA ILE B 22 24.59 23.99 20.99
C ILE B 22 24.15 25.10 21.94
N LEU B 23 22.85 25.41 21.89
CA LEU B 23 22.21 26.44 22.71
C LEU B 23 21.18 25.78 23.61
N PHE B 24 21.32 25.98 24.93
CA PHE B 24 20.27 25.58 25.87
C PHE B 24 19.33 26.76 26.08
N SER B 25 18.03 26.51 25.85
CA SER B 25 17.05 27.55 25.62
C SER B 25 15.74 27.25 26.34
N LYS B 26 14.83 28.24 26.32
CA LYS B 26 13.40 28.05 26.58
C LYS B 26 12.62 28.86 25.55
N THR B 27 11.49 28.31 25.11
CA THR B 27 10.74 28.91 24.00
C THR B 27 10.09 30.24 24.38
N THR B 28 9.92 30.52 25.66
CA THR B 28 9.23 31.71 26.13
C THR B 28 10.18 32.78 26.65
N CYS B 29 11.49 32.62 26.47
CA CYS B 29 12.47 33.56 27.03
C CYS B 29 12.94 34.51 25.95
N PRO B 30 12.80 35.83 26.12
CA PRO B 30 13.22 36.76 25.06
C PRO B 30 14.73 36.94 24.98
N TYR B 31 15.47 36.59 26.02
CA TYR B 31 16.93 36.55 25.92
C TYR B 31 17.39 35.41 25.02
N CYS B 32 16.75 34.23 25.14
CA CYS B 32 17.06 33.12 24.26
C CYS B 32 16.69 33.45 22.81
N LYS B 33 15.53 34.05 22.58
CA LYS B 33 15.17 34.48 21.24
C LYS B 33 16.20 35.45 20.67
N LYS B 34 16.70 36.37 21.50
CA LYS B 34 17.65 37.36 21.01
C LYS B 34 18.97 36.69 20.60
N VAL B 35 19.42 35.71 21.38
CA VAL B 35 20.64 34.99 21.01
C VAL B 35 20.42 34.20 19.72
N LYS B 36 19.26 33.57 19.57
CA LYS B 36 18.97 32.86 18.32
C LYS B 36 19.06 33.80 17.13
N ASP B 37 18.56 35.03 17.28
CA ASP B 37 18.57 35.99 16.18
C ASP B 37 19.99 36.42 15.83
N VAL B 38 20.85 36.59 16.85
CA VAL B 38 22.26 36.92 16.61
C VAL B 38 22.92 35.83 15.78
N LEU B 39 22.76 34.58 16.22
CA LEU B 39 23.39 33.45 15.54
C LEU B 39 22.86 33.30 14.11
N ALA B 40 21.55 33.51 13.92
CA ALA B 40 20.97 33.41 12.58
C ALA B 40 21.55 34.47 11.67
N GLU B 41 21.63 35.71 12.14
CA GLU B 41 22.20 36.79 11.34
C GLU B 41 23.68 36.53 11.04
N ALA B 42 24.41 35.93 11.99
CA ALA B 42 25.82 35.61 11.79
C ALA B 42 26.04 34.37 10.92
N LYS B 43 24.97 33.73 10.43
CA LYS B 43 25.05 32.48 9.65
C LYS B 43 25.79 31.39 10.43
N ILE B 44 25.56 31.33 11.73
CA ILE B 44 26.16 30.32 12.60
C ILE B 44 25.12 29.25 12.85
N LYS B 45 25.31 28.06 12.28
CA LYS B 45 24.37 26.97 12.49
C LYS B 45 24.63 26.28 13.84
N HIS B 46 23.57 25.78 14.45
CA HIS B 46 23.68 25.22 15.80
C HIS B 46 22.49 24.32 16.11
N ALA B 47 22.66 23.49 17.13
CA ALA B 47 21.56 22.76 17.76
C ALA B 47 20.94 23.60 18.88
N THR B 48 19.68 23.28 19.21
CA THR B 48 18.93 23.95 20.27
C THR B 48 18.18 22.92 21.10
N ILE B 49 18.26 23.05 22.43
CA ILE B 49 17.48 22.23 23.35
C ILE B 49 16.56 23.16 24.14
N GLU B 50 15.25 22.97 23.99
CA GLU B 50 14.25 23.82 24.67
C GLU B 50 13.86 23.15 25.99
N LEU B 51 14.36 23.70 27.09
CA LEU B 51 14.23 23.01 28.37
C LEU B 51 12.78 22.99 28.87
N ASP B 52 11.97 23.96 28.46
CA ASP B 52 10.56 24.02 28.88
C ASP B 52 9.70 22.96 28.20
N GLN B 53 10.22 22.24 27.20
CA GLN B 53 9.48 21.14 26.58
C GLN B 53 9.94 19.79 27.09
N LEU B 54 10.73 19.75 28.15
CA LEU B 54 11.28 18.52 28.70
C LEU B 54 10.85 18.37 30.15
N SER B 55 10.38 17.18 30.50
CA SER B 55 9.89 16.95 31.86
C SER B 55 11.00 17.12 32.89
N ASN B 56 12.27 16.94 32.47
CA ASN B 56 13.41 17.06 33.37
C ASN B 56 14.21 18.34 33.12
N GLY B 57 13.55 19.38 32.60
CA GLY B 57 14.26 20.60 32.26
C GLY B 57 14.89 21.29 33.45
N SER B 58 14.18 21.32 34.58
CA SER B 58 14.74 21.98 35.77
C SER B 58 15.97 21.25 36.29
N ALA B 59 15.94 19.91 36.26
CA ALA B 59 17.12 19.15 36.68
C ALA B 59 18.30 19.41 35.75
N ILE B 60 18.03 19.58 34.45
CA ILE B 60 19.09 19.89 33.50
C ILE B 60 19.75 21.22 33.85
N GLN B 61 18.93 22.21 34.23
CA GLN B 61 19.48 23.53 34.57
C GLN B 61 20.47 23.44 35.72
N LYS B 62 20.17 22.64 36.75
CA LYS B 62 21.12 22.49 37.85
C LYS B 62 22.38 21.77 37.38
N CYS B 63 22.24 20.79 36.47
CA CYS B 63 23.40 20.08 35.96
C CYS B 63 24.29 20.99 35.12
N LEU B 64 23.71 21.96 34.41
CA LEU B 64 24.49 22.88 33.58
C LEU B 64 25.52 23.65 34.41
N ALA B 65 25.17 24.00 35.64
CA ALA B 65 26.07 24.79 36.48
C ALA B 65 27.36 24.05 36.79
N SER B 66 27.40 22.73 36.59
CA SER B 66 28.66 22.00 36.63
C SER B 66 29.70 22.63 35.71
N PHE B 67 29.25 23.09 34.54
CA PHE B 67 30.15 23.61 33.50
C PHE B 67 30.30 25.13 33.58
N SER B 68 29.19 25.83 33.84
CA SER B 68 29.11 27.27 33.68
C SER B 68 29.06 28.04 35.00
N LYS B 69 28.77 27.36 36.12
CA LYS B 69 28.47 28.01 37.40
C LYS B 69 27.33 29.04 37.28
N ILE B 70 26.36 28.77 36.39
CA ILE B 70 25.08 29.45 36.37
C ILE B 70 24.00 28.43 36.02
N GLU B 71 22.76 28.77 36.36
CA GLU B 71 21.63 27.88 36.09
C GLU B 71 20.60 28.50 35.17
N THR B 72 20.75 29.76 34.80
CA THR B 72 19.79 30.44 33.95
C THR B 72 19.98 30.07 32.49
N VAL B 73 18.96 30.39 31.71
CA VAL B 73 18.94 30.16 30.26
C VAL B 73 18.97 31.54 29.63
N PRO B 74 19.64 31.76 28.47
CA PRO B 74 20.39 30.83 27.60
C PRO B 74 21.83 30.55 28.01
N GLN B 75 22.35 29.39 27.60
CA GLN B 75 23.74 28.99 27.77
C GLN B 75 24.24 28.42 26.46
N MET B 76 25.35 28.95 25.94
CA MET B 76 25.92 28.55 24.67
C MET B 76 27.19 27.74 24.90
N PHE B 77 27.32 26.61 24.21
CA PHE B 77 28.52 25.79 24.29
C PHE B 77 29.09 25.61 22.89
N VAL B 78 30.42 25.48 22.82
CA VAL B 78 31.15 25.15 21.60
C VAL B 78 32.16 24.06 21.92
N ARG B 79 31.96 22.86 21.36
CA ARG B 79 32.94 21.78 21.39
C ARG B 79 33.39 21.45 22.83
N GLY B 80 32.41 21.34 23.73
CA GLY B 80 32.65 20.89 25.08
C GLY B 80 32.84 21.99 26.10
N LYS B 81 32.92 23.25 25.67
CA LYS B 81 33.28 24.37 26.51
C LYS B 81 32.13 25.37 26.58
N PHE B 82 31.81 25.82 27.80
CA PHE B 82 30.82 26.88 27.95
C PHE B 82 31.37 28.21 27.43
N ILE B 83 30.61 28.85 26.54
CA ILE B 83 31.02 30.08 25.86
C ILE B 83 30.47 31.31 26.57
N GLY B 84 29.21 31.29 26.96
CA GLY B 84 28.65 32.43 27.66
C GLY B 84 27.14 32.36 27.76
N ASP B 85 26.61 33.22 28.63
CA ASP B 85 25.19 33.55 28.65
C ASP B 85 24.86 34.61 27.62
N SER B 86 23.69 35.26 27.73
CA SER B 86 23.28 36.26 26.75
C SER B 86 24.26 37.44 26.70
N GLN B 87 24.64 37.96 27.86
CA GLN B 87 25.49 39.16 27.85
C GLN B 87 26.86 38.87 27.22
N THR B 88 27.42 37.69 27.48
CA THR B 88 28.73 37.38 26.93
C THR B 88 28.68 37.13 25.42
N VAL B 89 27.70 36.37 24.95
CA VAL B 89 27.57 36.10 23.51
C VAL B 89 27.39 37.39 22.73
N LEU B 90 26.50 38.27 23.20
CA LEU B 90 26.22 39.50 22.46
C LEU B 90 27.43 40.45 22.45
N LYS B 91 28.26 40.42 23.50
CA LYS B 91 29.49 41.22 23.50
C LYS B 91 30.48 40.69 22.49
N TYR B 92 30.68 39.36 22.44
CA TYR B 92 31.58 38.82 21.43
C TYR B 92 31.14 39.22 20.02
N TYR B 93 29.82 39.17 19.75
CA TYR B 93 29.32 39.54 18.42
C TYR B 93 29.58 41.01 18.12
N SER B 94 29.29 41.90 19.06
CA SER B 94 29.45 43.33 18.82
C SER B 94 30.92 43.72 18.67
N ASN B 95 31.85 42.92 19.19
CA ASN B 95 33.28 43.14 19.00
C ASN B 95 33.88 42.31 17.87
N ASP B 96 33.03 41.64 17.07
CA ASP B 96 33.49 40.83 15.93
C ASP B 96 34.42 39.71 16.39
N GLU B 97 34.15 39.16 17.58
CA GLU B 97 34.93 38.08 18.15
C GLU B 97 34.21 36.75 18.08
N LEU B 98 32.90 36.76 17.82
CA LEU B 98 32.09 35.54 17.95
C LEU B 98 32.45 34.51 16.88
N ALA B 99 32.66 34.95 15.64
CA ALA B 99 32.96 34.01 14.57
C ALA B 99 34.23 33.22 14.88
N GLY B 100 35.26 33.89 15.40
CA GLY B 100 36.49 33.18 15.71
C GLY B 100 36.30 32.13 16.78
N ILE B 101 35.48 32.43 17.79
CA ILE B 101 35.27 31.49 18.89
C ILE B 101 34.56 30.23 18.41
N VAL B 102 33.52 30.41 17.58
CA VAL B 102 32.74 29.25 17.15
C VAL B 102 33.43 28.44 16.06
N ASN B 103 34.48 28.96 15.44
CA ASN B 103 35.25 28.20 14.47
C ASN B 103 36.48 27.53 15.08
N GLU B 104 36.77 27.79 16.35
CA GLU B 104 37.96 27.25 16.98
C GLU B 104 37.78 25.75 17.23
N SER B 105 38.71 24.95 16.70
CA SER B 105 38.66 23.51 16.89
C SER B 105 40.06 22.93 16.91
N LYS B 106 40.19 21.87 17.71
CA LYS B 106 41.42 21.10 17.83
C LYS B 106 41.65 20.16 16.65
N TYR B 107 40.59 19.84 15.90
CA TYR B 107 40.67 18.96 14.73
C TYR B 107 40.28 19.74 13.49
N ASP B 108 40.67 19.21 12.32
CA ASP B 108 40.25 19.82 11.05
C ASP B 108 38.73 19.83 10.91
N TYR B 109 38.07 18.74 11.33
CA TYR B 109 36.63 18.59 11.17
C TYR B 109 36.02 18.05 12.45
N ASP B 110 34.75 18.41 12.69
CA ASP B 110 33.99 17.74 13.75
C ASP B 110 33.62 16.32 13.35
N LEU B 111 33.37 16.08 12.07
CA LEU B 111 32.93 14.78 11.58
C LEU B 111 33.62 14.49 10.25
N ILE B 112 34.22 13.31 10.13
CA ILE B 112 34.68 12.80 8.85
C ILE B 112 33.87 11.54 8.55
N VAL B 113 33.15 11.55 7.42
CA VAL B 113 32.42 10.39 6.90
C VAL B 113 33.27 9.73 5.82
N ILE B 114 33.64 8.46 6.01
CA ILE B 114 34.34 7.68 5.00
C ILE B 114 33.29 6.86 4.25
N GLY B 115 33.01 7.27 3.00
CA GLY B 115 32.01 6.63 2.15
C GLY B 115 30.84 7.55 1.81
N GLY B 116 30.62 7.80 0.51
CA GLY B 116 29.60 8.76 0.09
C GLY B 116 28.39 8.09 -0.56
N GLY B 117 27.82 7.13 0.15
CA GLY B 117 26.67 6.40 -0.35
C GLY B 117 25.43 6.71 0.45
N SER B 118 24.48 5.75 0.49
CA SER B 118 23.17 5.99 1.10
C SER B 118 23.30 6.50 2.53
N GLY B 119 24.04 5.77 3.38
CA GLY B 119 24.13 6.18 4.77
C GLY B 119 25.02 7.39 5.00
N GLY B 120 26.18 7.40 4.34
CA GLY B 120 27.17 8.44 4.60
C GLY B 120 26.74 9.83 4.15
N LEU B 121 26.11 9.93 2.97
CA LEU B 121 25.59 11.23 2.56
C LEU B 121 24.50 11.71 3.50
N ALA B 122 23.61 10.81 3.95
CA ALA B 122 22.55 11.22 4.87
C ALA B 122 23.12 11.69 6.21
N ALA B 123 24.11 10.97 6.75
CA ALA B 123 24.70 11.37 8.03
C ALA B 123 25.41 12.71 7.91
N GLY B 124 26.15 12.93 6.83
CA GLY B 124 26.91 14.16 6.69
C GLY B 124 26.03 15.39 6.52
N LYS B 125 24.98 15.28 5.70
CA LYS B 125 24.05 16.40 5.55
C LYS B 125 23.37 16.74 6.87
N GLU B 126 22.97 15.71 7.64
CA GLU B 126 22.25 15.98 8.89
C GLU B 126 23.18 16.60 9.94
N ALA B 127 24.42 16.10 10.04
CA ALA B 127 25.36 16.69 11.00
C ALA B 127 25.61 18.16 10.67
N ALA B 128 25.73 18.49 9.38
CA ALA B 128 26.04 19.88 9.03
C ALA B 128 24.95 20.85 9.48
N LYS B 129 23.69 20.39 9.54
CA LYS B 129 22.61 21.27 9.99
C LYS B 129 22.79 21.80 11.40
N TYR B 130 23.54 21.09 12.24
CA TYR B 130 23.73 21.48 13.63
C TYR B 130 25.08 22.16 13.87
N GLY B 131 25.76 22.58 12.82
CA GLY B 131 27.02 23.29 12.96
C GLY B 131 28.25 22.41 13.02
N ALA B 132 28.13 21.11 12.79
CA ALA B 132 29.32 20.28 12.70
C ALA B 132 30.07 20.59 11.41
N LYS B 133 31.35 20.94 11.52
CA LYS B 133 32.18 21.07 10.34
C LYS B 133 32.48 19.66 9.81
N THR B 134 32.04 19.36 8.59
CA THR B 134 31.91 17.99 8.11
C THR B 134 32.62 17.78 6.78
N ALA B 135 33.30 16.64 6.63
CA ALA B 135 33.85 16.21 5.35
C ALA B 135 33.27 14.86 4.97
N VAL B 136 32.96 14.68 3.68
CA VAL B 136 32.53 13.38 3.14
C VAL B 136 33.55 12.94 2.08
N LEU B 137 34.15 11.77 2.30
CA LEU B 137 35.07 11.17 1.35
C LEU B 137 34.36 10.08 0.56
N ASP B 138 34.54 10.07 -0.76
CA ASP B 138 34.00 8.99 -1.58
C ASP B 138 34.96 8.66 -2.71
N TYR B 139 35.19 7.36 -2.92
CA TYR B 139 36.01 6.85 -4.03
C TYR B 139 35.41 5.52 -4.49
N VAL B 140 35.44 5.28 -5.80
CA VAL B 140 34.87 4.08 -6.41
C VAL B 140 35.98 3.31 -7.10
N GLU B 141 36.48 2.25 -6.46
CA GLU B 141 37.46 1.36 -7.07
C GLU B 141 36.85 0.69 -8.31
N PRO B 142 37.49 0.78 -9.48
CA PRO B 142 36.91 0.19 -10.70
C PRO B 142 36.78 -1.32 -10.62
N THR B 143 35.78 -1.86 -11.36
CA THR B 143 35.59 -3.29 -11.51
C THR B 143 36.75 -3.87 -12.35
N PRO B 144 36.87 -5.20 -12.39
CA PRO B 144 37.94 -5.80 -13.22
C PRO B 144 37.96 -5.36 -14.68
N ILE B 145 36.81 -5.10 -15.31
CA ILE B 145 36.82 -4.62 -16.70
C ILE B 145 36.92 -3.11 -16.80
N GLY B 146 36.91 -2.40 -15.67
CA GLY B 146 37.18 -0.97 -15.66
C GLY B 146 35.99 -0.08 -15.34
N THR B 147 34.82 -0.63 -15.03
CA THR B 147 33.63 0.20 -14.78
C THR B 147 33.80 1.02 -13.49
N THR B 148 33.43 2.31 -13.56
CA THR B 148 33.38 3.19 -12.40
C THR B 148 32.21 4.17 -12.59
N TRP B 149 31.94 4.97 -11.56
CA TRP B 149 30.72 5.81 -11.52
C TRP B 149 30.91 6.93 -10.49
N GLY B 150 29.90 7.80 -10.37
CA GLY B 150 30.00 9.01 -9.57
C GLY B 150 29.41 8.89 -8.17
N LEU B 151 29.24 10.07 -7.53
CA LEU B 151 28.86 10.14 -6.12
C LEU B 151 27.45 9.62 -5.86
N GLY B 152 27.26 8.92 -4.74
CA GLY B 152 25.93 8.47 -4.36
C GLY B 152 25.81 7.04 -3.85
N GLY B 153 26.79 6.19 -4.11
CA GLY B 153 26.81 4.85 -3.54
C GLY B 153 26.21 3.77 -4.44
N THR B 154 26.01 2.59 -3.83
CA THR B 154 25.59 1.41 -4.56
C THR B 154 24.15 1.54 -5.09
N CYS B 155 23.23 1.98 -4.24
CA CYS B 155 21.83 2.07 -4.65
C CYS B 155 21.65 3.00 -5.84
N VAL B 156 22.24 4.19 -5.76
CA VAL B 156 22.10 5.22 -6.80
C VAL B 156 22.65 4.75 -8.14
N ASN B 157 23.86 4.17 -8.14
CA ASN B 157 24.62 3.94 -9.37
C ASN B 157 24.50 2.52 -9.92
N VAL B 158 24.46 1.51 -9.06
CA VAL B 158 24.55 0.10 -9.47
C VAL B 158 23.65 -0.79 -8.62
N GLY B 159 22.51 -0.25 -8.17
CA GLY B 159 21.65 -0.93 -7.21
C GLY B 159 20.17 -0.67 -7.40
N CYS B 160 19.47 -0.28 -6.32
CA CYS B 160 18.00 -0.15 -6.35
C CYS B 160 17.51 0.71 -7.52
N ILE B 161 18.20 1.82 -7.81
CA ILE B 161 17.70 2.78 -8.78
C ILE B 161 17.75 2.21 -10.21
N PRO B 162 18.91 1.84 -10.78
CA PRO B 162 18.86 1.26 -12.13
C PRO B 162 18.14 -0.09 -12.19
N LYS B 163 18.24 -0.90 -11.13
CA LYS B 163 17.56 -2.21 -11.14
C LYS B 163 16.05 -2.06 -11.28
N LYS B 164 15.46 -1.10 -10.55
CA LYS B 164 14.00 -0.96 -10.66
C LYS B 164 13.59 -0.29 -11.95
N LEU B 165 14.46 0.55 -12.54
CA LEU B 165 14.12 1.12 -13.84
C LEU B 165 14.13 0.05 -14.93
N MET B 166 15.08 -0.90 -14.88
CA MET B 166 15.07 -1.99 -15.86
C MET B 166 13.93 -2.98 -15.58
N HIS B 167 13.57 -3.18 -14.31
CA HIS B 167 12.36 -3.94 -13.98
C HIS B 167 11.13 -3.31 -14.62
N GLN B 168 11.02 -1.97 -14.56
CA GLN B 168 9.89 -1.27 -15.18
C GLN B 168 9.87 -1.47 -16.69
N ALA B 169 11.04 -1.44 -17.33
CA ALA B 169 11.08 -1.73 -18.77
C ALA B 169 10.57 -3.14 -19.04
N GLY B 170 10.88 -4.07 -18.15
CA GLY B 170 10.37 -5.43 -18.30
C GLY B 170 8.86 -5.54 -18.08
N LEU B 171 8.35 -4.86 -17.04
CA LEU B 171 6.90 -4.83 -16.81
C LEU B 171 6.16 -4.24 -18.00
N LEU B 172 6.78 -3.30 -18.72
CA LEU B 172 6.07 -2.70 -19.84
C LEU B 172 5.88 -3.67 -21.01
N SER B 173 6.68 -4.74 -21.09
CA SER B 173 6.41 -5.80 -22.06
C SER B 173 5.00 -6.35 -21.88
N HIS B 174 4.63 -6.66 -20.63
CA HIS B 174 3.28 -7.17 -20.38
C HIS B 174 2.22 -6.10 -20.52
N ALA B 175 2.54 -4.83 -20.23
CA ALA B 175 1.56 -3.78 -20.45
C ALA B 175 1.20 -3.64 -21.92
N LEU B 176 2.21 -3.75 -22.80
CA LEU B 176 1.96 -3.71 -24.24
C LEU B 176 1.05 -4.86 -24.67
N GLU B 177 1.26 -6.06 -24.12
CA GLU B 177 0.40 -7.19 -24.43
C GLU B 177 -1.02 -6.95 -23.92
N ASP B 178 -1.15 -6.54 -22.65
CA ASP B 178 -2.46 -6.28 -22.05
C ASP B 178 -3.22 -5.21 -22.84
N ALA B 179 -2.50 -4.23 -23.37
CA ALA B 179 -3.15 -3.11 -24.07
C ALA B 179 -3.97 -3.59 -25.26
N GLU B 180 -3.53 -4.64 -25.96
CA GLU B 180 -4.35 -5.17 -27.05
C GLU B 180 -5.74 -5.60 -26.56
N HIS B 181 -5.78 -6.34 -25.44
CA HIS B 181 -7.06 -6.80 -24.91
C HIS B 181 -7.94 -5.66 -24.45
N PHE B 182 -7.33 -4.58 -23.96
CA PHE B 182 -8.11 -3.41 -23.54
C PHE B 182 -8.49 -2.50 -24.70
N GLY B 183 -8.19 -2.86 -25.95
CA GLY B 183 -8.71 -2.19 -27.13
C GLY B 183 -7.72 -1.37 -27.95
N TRP B 184 -6.44 -1.29 -27.55
CA TRP B 184 -5.46 -0.52 -28.30
C TRP B 184 -4.98 -1.27 -29.55
N SER B 185 -4.62 -0.51 -30.60
CA SER B 185 -4.45 -1.10 -31.93
C SER B 185 -3.07 -1.72 -32.18
N LEU B 186 -2.17 -1.71 -31.20
CA LEU B 186 -0.82 -2.23 -31.41
C LEU B 186 -0.81 -3.75 -31.51
N ASP B 187 0.30 -4.29 -32.03
CA ASP B 187 0.55 -5.73 -32.13
C ASP B 187 1.87 -6.02 -31.44
N ARG B 188 1.80 -6.56 -30.22
CA ARG B 188 2.99 -6.84 -29.42
C ARG B 188 3.95 -7.77 -30.13
N SER B 189 3.43 -8.66 -30.98
CA SER B 189 4.27 -9.57 -31.76
C SER B 189 5.23 -8.85 -32.68
N LYS B 190 4.94 -7.61 -33.05
CA LYS B 190 5.73 -6.86 -34.02
C LYS B 190 6.63 -5.83 -33.36
N ILE B 191 6.72 -5.84 -32.03
CA ILE B 191 7.45 -4.82 -31.27
C ILE B 191 8.64 -5.49 -30.62
N SER B 192 9.78 -4.79 -30.59
CA SER B 192 10.99 -5.32 -29.98
C SER B 192 11.59 -4.25 -29.06
N HIS B 193 12.61 -4.65 -28.30
CA HIS B 193 13.25 -3.78 -27.33
C HIS B 193 14.67 -3.45 -27.77
N ASN B 194 15.07 -2.18 -27.57
CA ASN B 194 16.43 -1.70 -27.85
C ASN B 194 17.14 -1.48 -26.50
N TRP B 195 18.02 -2.42 -26.15
CA TRP B 195 18.76 -2.35 -24.88
C TRP B 195 19.53 -1.05 -24.75
N SER B 196 20.22 -0.63 -25.81
CA SER B 196 21.06 0.55 -25.70
C SER B 196 20.23 1.83 -25.47
N THR B 197 19.01 1.90 -26.01
CA THR B 197 18.16 3.05 -25.70
C THR B 197 17.77 3.08 -24.22
N MET B 198 17.44 1.92 -23.64
CA MET B 198 17.10 1.87 -22.21
C MET B 198 18.29 2.32 -21.35
N VAL B 199 19.48 1.75 -21.62
CA VAL B 199 20.66 2.05 -20.81
C VAL B 199 21.01 3.54 -20.90
N GLU B 200 20.89 4.13 -22.10
CA GLU B 200 21.17 5.56 -22.24
C GLU B 200 20.28 6.41 -21.32
N GLY B 201 18.99 6.07 -21.24
CA GLY B 201 18.10 6.83 -20.39
C GLY B 201 18.35 6.57 -18.91
N VAL B 202 18.63 5.32 -18.55
CA VAL B 202 18.92 5.01 -17.14
C VAL B 202 20.17 5.76 -16.71
N GLN B 203 21.20 5.75 -17.55
CA GLN B 203 22.47 6.39 -17.18
C GLN B 203 22.36 7.91 -17.16
N SER B 204 21.49 8.48 -18.00
CA SER B 204 21.29 9.93 -17.94
C SER B 204 20.59 10.34 -16.66
N HIS B 205 19.65 9.51 -16.15
CA HIS B 205 19.04 9.83 -14.87
C HIS B 205 20.05 9.71 -13.74
N ILE B 206 20.91 8.70 -13.78
CA ILE B 206 21.88 8.53 -12.70
C ILE B 206 22.85 9.70 -12.67
N GLY B 207 23.24 10.19 -13.85
CA GLY B 207 24.10 11.36 -13.91
C GLY B 207 23.49 12.57 -13.23
N SER B 208 22.17 12.76 -13.38
CA SER B 208 21.51 13.87 -12.71
C SER B 208 21.53 13.70 -11.18
N LEU B 209 21.57 12.45 -10.71
CA LEU B 209 21.65 12.21 -9.28
C LEU B 209 23.06 12.44 -8.74
N ASN B 210 24.09 11.99 -9.47
CA ASN B 210 25.47 12.31 -9.07
C ASN B 210 25.62 13.82 -8.88
N TRP B 211 25.17 14.58 -9.87
CA TRP B 211 25.29 16.04 -9.82
C TRP B 211 24.49 16.64 -8.67
N GLY B 212 23.28 16.14 -8.44
CA GLY B 212 22.46 16.67 -7.37
C GLY B 212 23.08 16.47 -5.99
N TYR B 213 23.78 15.35 -5.78
CA TYR B 213 24.42 15.15 -4.49
C TYR B 213 25.60 16.09 -4.30
N LYS B 214 26.36 16.38 -5.36
CA LYS B 214 27.42 17.37 -5.26
C LYS B 214 26.86 18.75 -4.88
N VAL B 215 25.77 19.16 -5.55
CA VAL B 215 25.16 20.46 -5.25
C VAL B 215 24.60 20.49 -3.84
N ALA B 216 24.01 19.39 -3.38
CA ALA B 216 23.45 19.35 -2.04
C ALA B 216 24.54 19.49 -0.98
N LEU B 217 25.70 18.86 -1.19
CA LEU B 217 26.76 18.99 -0.20
C LEU B 217 27.28 20.43 -0.17
N ARG B 218 27.46 21.06 -1.33
CA ARG B 218 27.92 22.45 -1.37
C ARG B 218 26.94 23.37 -0.66
N ASP B 219 25.64 23.15 -0.83
CA ASP B 219 24.61 23.99 -0.21
C ASP B 219 24.55 23.80 1.30
N ASN B 220 25.00 22.67 1.83
CA ASN B 220 25.07 22.44 3.27
C ASN B 220 26.45 22.76 3.85
N GLN B 221 27.35 23.35 3.06
CA GLN B 221 28.72 23.64 3.49
C GLN B 221 29.46 22.38 3.96
N VAL B 222 29.24 21.27 3.29
CA VAL B 222 29.97 20.03 3.53
C VAL B 222 31.13 19.96 2.54
N THR B 223 32.32 19.62 3.03
CA THR B 223 33.49 19.46 2.16
C THR B 223 33.46 18.08 1.52
N TYR B 224 33.37 18.02 0.19
CA TYR B 224 33.40 16.76 -0.55
C TYR B 224 34.79 16.54 -1.11
N LEU B 225 35.38 15.39 -0.80
CA LEU B 225 36.67 14.98 -1.31
C LEU B 225 36.52 13.66 -2.08
N ASN B 226 36.80 13.70 -3.39
CA ASN B 226 36.80 12.48 -4.21
C ASN B 226 38.18 11.81 -4.03
N ALA B 227 38.31 11.12 -2.90
CA ALA B 227 39.59 10.58 -2.47
C ALA B 227 39.35 9.32 -1.66
N LYS B 228 40.36 8.45 -1.64
CA LYS B 228 40.29 7.19 -0.91
C LYS B 228 40.78 7.40 0.52
N GLY B 229 39.94 7.06 1.51
CA GLY B 229 40.27 7.28 2.91
C GLY B 229 40.70 6.02 3.63
N ARG B 230 41.62 6.17 4.59
CA ARG B 230 42.05 5.05 5.43
C ARG B 230 42.22 5.57 6.85
N LEU B 231 41.54 4.94 7.82
CA LEU B 231 41.65 5.37 9.20
C LEU B 231 42.92 4.75 9.78
N ILE B 232 43.88 5.59 10.18
CA ILE B 232 45.18 5.11 10.65
C ILE B 232 45.37 5.29 12.16
N SER B 233 44.59 6.15 12.80
CA SER B 233 44.50 6.24 14.26
C SER B 233 43.09 6.71 14.57
N PRO B 234 42.69 6.69 15.85
CA PRO B 234 41.29 7.07 16.15
C PRO B 234 40.83 8.39 15.52
N HIS B 235 41.70 9.40 15.43
CA HIS B 235 41.29 10.70 14.88
C HIS B 235 42.00 11.09 13.58
N GLU B 236 42.78 10.20 12.96
CA GLU B 236 43.54 10.55 11.76
C GLU B 236 43.08 9.73 10.57
N VAL B 237 42.75 10.41 9.46
CA VAL B 237 42.38 9.76 8.21
C VAL B 237 43.39 10.14 7.14
N GLN B 238 44.04 9.13 6.57
CA GLN B 238 44.91 9.32 5.42
C GLN B 238 44.08 9.31 4.15
N ILE B 239 44.27 10.32 3.29
CA ILE B 239 43.54 10.43 2.03
C ILE B 239 44.52 10.36 0.86
N THR B 240 44.12 9.65 -0.19
CA THR B 240 44.88 9.57 -1.43
C THR B 240 44.10 10.24 -2.55
N ASP B 241 44.75 11.19 -3.22
CA ASP B 241 44.21 12.04 -4.26
C ASP B 241 43.90 11.24 -5.53
N LYS B 242 43.17 11.90 -6.45
CA LYS B 242 43.08 11.36 -7.81
C LYS B 242 44.44 11.39 -8.50
N ASN B 243 45.31 12.32 -8.12
CA ASN B 243 46.67 12.40 -8.62
C ASN B 243 47.65 11.60 -7.77
N GLN B 244 47.15 10.77 -6.86
CA GLN B 244 47.94 9.90 -5.99
C GLN B 244 48.72 10.67 -4.93
N LYS B 245 48.33 11.91 -4.62
CA LYS B 245 48.94 12.64 -3.53
C LYS B 245 48.35 12.15 -2.20
N VAL B 246 49.22 11.87 -1.24
CA VAL B 246 48.81 11.32 0.06
C VAL B 246 48.98 12.39 1.13
N SER B 247 47.95 12.56 1.96
CA SER B 247 48.01 13.52 3.07
C SER B 247 47.14 13.00 4.21
N THR B 248 47.10 13.75 5.31
CA THR B 248 46.34 13.37 6.48
C THR B 248 45.43 14.50 6.93
N ILE B 249 44.19 14.18 7.27
CA ILE B 249 43.26 15.13 7.87
C ILE B 249 42.78 14.51 9.18
N THR B 250 42.33 15.36 10.10
CA THR B 250 41.92 14.91 11.42
C THR B 250 40.47 15.28 11.70
N GLY B 251 39.82 14.45 12.52
CA GLY B 251 38.41 14.67 12.86
C GLY B 251 38.10 14.17 14.24
N ASN B 252 37.14 14.83 14.88
CA ASN B 252 36.69 14.45 16.22
C ASN B 252 35.92 13.13 16.16
N LYS B 253 34.75 13.10 15.51
CA LYS B 253 34.01 11.86 15.29
C LYS B 253 34.26 11.33 13.87
N ILE B 254 34.25 10.01 13.73
CA ILE B 254 34.46 9.32 12.45
C ILE B 254 33.24 8.41 12.21
N ILE B 255 32.65 8.48 11.00
CA ILE B 255 31.61 7.53 10.61
C ILE B 255 32.12 6.71 9.43
N LEU B 256 32.20 5.38 9.62
CA LEU B 256 32.57 4.46 8.56
C LEU B 256 31.30 4.03 7.81
N ALA B 257 31.30 4.22 6.49
CA ALA B 257 30.09 4.00 5.70
C ALA B 257 30.49 3.56 4.29
N THR B 258 31.40 2.61 4.20
CA THR B 258 32.05 2.25 2.95
C THR B 258 31.37 1.11 2.18
N GLY B 259 30.34 0.48 2.75
CA GLY B 259 29.53 -0.45 1.96
C GLY B 259 30.28 -1.71 1.57
N GLU B 260 29.74 -2.41 0.56
CA GLU B 260 30.22 -3.70 0.09
C GLU B 260 30.38 -3.70 -1.43
N ARG B 261 31.01 -4.75 -1.95
CA ARG B 261 31.15 -4.98 -3.39
C ARG B 261 30.86 -6.44 -3.69
N PRO B 262 30.54 -6.77 -4.95
CA PRO B 262 30.19 -8.18 -5.28
C PRO B 262 31.36 -9.13 -5.14
N LYS B 263 31.04 -10.36 -4.72
CA LYS B 263 32.01 -11.46 -4.62
C LYS B 263 32.12 -12.18 -5.97
N TYR B 264 33.29 -12.78 -6.22
CA TYR B 264 33.47 -13.71 -7.33
C TYR B 264 33.81 -15.10 -6.79
N PRO B 265 33.33 -16.19 -7.41
CA PRO B 265 33.77 -17.52 -7.00
C PRO B 265 35.24 -17.74 -7.39
N GLU B 266 35.90 -18.64 -6.65
CA GLU B 266 37.34 -18.88 -6.86
C GLU B 266 37.54 -19.99 -7.89
N ILE B 267 37.25 -19.64 -9.15
CA ILE B 267 37.35 -20.59 -10.26
C ILE B 267 38.02 -19.92 -11.44
N PRO B 268 38.68 -20.70 -12.29
CA PRO B 268 39.36 -20.11 -13.47
C PRO B 268 38.38 -19.38 -14.39
N GLY B 269 38.79 -18.19 -14.83
CA GLY B 269 38.03 -17.42 -15.79
C GLY B 269 36.95 -16.50 -15.24
N ALA B 270 36.61 -16.60 -13.95
CA ALA B 270 35.47 -15.85 -13.42
C ALA B 270 35.73 -14.35 -13.49
N VAL B 271 36.87 -13.91 -12.96
CA VAL B 271 37.18 -12.48 -12.93
C VAL B 271 37.43 -11.95 -14.35
N GLU B 272 38.06 -12.77 -15.20
CA GLU B 272 38.47 -12.30 -16.51
C GLU B 272 37.28 -12.16 -17.46
N TYR B 273 36.35 -13.12 -17.44
CA TYR B 273 35.33 -13.27 -18.48
C TYR B 273 33.90 -13.08 -18.01
N GLY B 274 33.61 -13.15 -16.70
CA GLY B 274 32.27 -12.86 -16.21
C GLY B 274 32.11 -11.39 -15.82
N ILE B 275 30.87 -11.02 -15.47
CA ILE B 275 30.57 -9.68 -14.97
C ILE B 275 29.70 -9.83 -13.72
N THR B 276 29.45 -8.69 -13.04
CA THR B 276 28.53 -8.62 -11.91
C THR B 276 27.54 -7.50 -12.12
N SER B 277 26.66 -7.31 -11.13
CA SER B 277 25.71 -6.20 -11.17
C SER B 277 26.41 -4.85 -11.33
N ASP B 278 27.63 -4.71 -10.80
CA ASP B 278 28.40 -3.48 -10.98
C ASP B 278 28.55 -3.09 -12.45
N ASP B 279 28.70 -4.08 -13.34
CA ASP B 279 28.89 -3.82 -14.77
C ASP B 279 27.58 -3.80 -15.55
N LEU B 280 26.59 -4.55 -15.08
CA LEU B 280 25.39 -4.79 -15.88
C LEU B 280 24.64 -3.50 -16.18
N PHE B 281 24.56 -2.58 -15.20
CA PHE B 281 23.61 -1.48 -15.34
C PHE B 281 24.11 -0.37 -16.26
N SER B 282 25.36 -0.43 -16.71
CA SER B 282 25.86 0.49 -17.74
C SER B 282 26.37 -0.24 -18.98
N LEU B 283 26.12 -1.53 -19.10
CA LEU B 283 26.67 -2.30 -20.21
C LEU B 283 26.18 -1.75 -21.54
N PRO B 284 27.08 -1.44 -22.49
CA PRO B 284 26.63 -0.83 -23.75
C PRO B 284 26.08 -1.82 -24.78
N TYR B 285 26.20 -3.12 -24.55
CA TYR B 285 25.65 -4.15 -25.42
C TYR B 285 24.62 -4.98 -24.66
N PHE B 286 23.60 -5.49 -25.37
CA PHE B 286 22.65 -6.42 -24.74
C PHE B 286 23.37 -7.70 -24.35
N PRO B 287 23.18 -8.21 -23.13
CA PRO B 287 23.86 -9.45 -22.72
C PRO B 287 23.61 -10.65 -23.64
N GLY B 288 22.49 -10.68 -24.36
CA GLY B 288 22.22 -11.86 -25.18
C GLY B 288 21.87 -13.08 -24.34
N LYS B 289 22.24 -14.26 -24.84
CA LYS B 289 21.99 -15.50 -24.12
C LYS B 289 22.83 -15.50 -22.85
N THR B 290 22.17 -15.48 -21.68
CA THR B 290 22.82 -15.14 -20.42
C THR B 290 22.66 -16.26 -19.40
N LEU B 291 23.73 -16.52 -18.64
CA LEU B 291 23.72 -17.37 -17.46
C LEU B 291 23.92 -16.49 -16.22
N VAL B 292 22.98 -16.55 -15.28
CA VAL B 292 23.11 -15.91 -13.98
C VAL B 292 23.48 -16.99 -12.98
N ILE B 293 24.62 -16.86 -12.31
CA ILE B 293 25.08 -17.82 -11.31
C ILE B 293 24.75 -17.27 -9.92
N GLY B 294 23.92 -17.99 -9.16
CA GLY B 294 23.44 -17.54 -7.87
C GLY B 294 21.92 -17.51 -7.78
N ALA B 295 21.43 -17.27 -6.55
CA ALA B 295 19.98 -17.33 -6.33
C ALA B 295 19.49 -16.31 -5.30
N SER B 296 20.24 -15.24 -5.06
CA SER B 296 19.86 -14.13 -4.20
C SER B 296 18.78 -13.29 -4.88
N TYR B 297 18.25 -12.31 -4.15
CA TYR B 297 17.29 -11.42 -4.80
C TYR B 297 17.93 -10.64 -5.97
N VAL B 298 19.22 -10.31 -5.87
CA VAL B 298 19.91 -9.70 -7.01
C VAL B 298 19.89 -10.61 -8.23
N ALA B 299 20.24 -11.89 -8.02
CA ALA B 299 20.24 -12.85 -9.14
C ALA B 299 18.87 -12.95 -9.79
N LEU B 300 17.80 -13.10 -9.00
CA LEU B 300 16.49 -13.34 -9.58
C LEU B 300 15.89 -12.07 -10.19
N GLU B 301 16.11 -10.90 -9.59
CA GLU B 301 15.67 -9.65 -10.20
C GLU B 301 16.31 -9.46 -11.56
N CYS B 302 17.62 -9.67 -11.65
CA CYS B 302 18.31 -9.43 -12.92
C CYS B 302 17.90 -10.44 -13.97
N ALA B 303 17.81 -11.72 -13.62
CA ALA B 303 17.36 -12.72 -14.57
C ALA B 303 15.94 -12.43 -15.05
N GLY B 304 15.09 -11.96 -14.14
CA GLY B 304 13.71 -11.67 -14.52
C GLY B 304 13.58 -10.58 -15.56
N PHE B 305 14.25 -9.44 -15.36
CA PHE B 305 14.03 -8.39 -16.35
C PHE B 305 14.76 -8.70 -17.66
N LEU B 306 15.87 -9.43 -17.62
CA LEU B 306 16.54 -9.79 -18.88
C LEU B 306 15.64 -10.70 -19.73
N ALA B 307 14.90 -11.61 -19.08
CA ALA B 307 13.97 -12.47 -19.80
C ALA B 307 12.84 -11.66 -20.43
N SER B 308 12.28 -10.70 -19.68
CA SER B 308 11.19 -9.87 -20.21
C SER B 308 11.66 -8.94 -21.33
N LEU B 309 12.94 -8.59 -21.38
CA LEU B 309 13.48 -7.77 -22.46
C LEU B 309 13.97 -8.58 -23.65
N GLY B 310 13.61 -9.87 -23.74
CA GLY B 310 13.92 -10.68 -24.90
C GLY B 310 15.09 -11.63 -24.77
N GLY B 311 15.71 -11.73 -23.59
CA GLY B 311 16.86 -12.58 -23.45
C GLY B 311 16.51 -14.05 -23.23
N ASP B 312 17.46 -14.91 -23.60
CA ASP B 312 17.43 -16.33 -23.32
C ASP B 312 18.25 -16.53 -22.04
N VAL B 313 17.58 -16.79 -20.91
CA VAL B 313 18.20 -16.65 -19.58
C VAL B 313 18.11 -17.97 -18.83
N THR B 314 19.23 -18.38 -18.22
CA THR B 314 19.31 -19.52 -17.32
C THR B 314 19.89 -19.07 -15.97
N VAL B 315 19.33 -19.60 -14.88
CA VAL B 315 19.81 -19.36 -13.52
C VAL B 315 20.38 -20.66 -12.95
N MET B 316 21.63 -20.60 -12.50
CA MET B 316 22.32 -21.75 -11.91
C MET B 316 22.26 -21.68 -10.39
N VAL B 317 21.50 -22.60 -9.78
CA VAL B 317 21.15 -22.56 -8.36
C VAL B 317 21.91 -23.65 -7.60
N ARG B 318 22.75 -23.23 -6.64
CA ARG B 318 23.56 -24.15 -5.85
C ARG B 318 22.69 -25.02 -4.95
N SER B 319 21.76 -24.41 -4.20
CA SER B 319 20.85 -25.17 -3.36
C SER B 319 19.40 -24.69 -3.48
N ILE B 320 19.04 -23.58 -2.82
CA ILE B 320 17.68 -23.08 -2.79
C ILE B 320 17.64 -21.65 -3.35
N LEU B 321 16.42 -21.17 -3.62
CA LEU B 321 16.18 -19.77 -3.99
C LEU B 321 15.94 -18.91 -2.74
N LEU B 322 16.48 -17.69 -2.76
CA LEU B 322 16.19 -16.67 -1.72
C LEU B 322 16.37 -17.21 -0.30
N ARG B 323 17.54 -17.81 -0.04
CA ARG B 323 17.86 -18.24 1.31
C ARG B 323 17.67 -17.10 2.30
N GLY B 324 17.01 -17.40 3.42
CA GLY B 324 16.66 -16.40 4.41
C GLY B 324 15.26 -15.85 4.28
N PHE B 325 14.62 -16.03 3.12
CA PHE B 325 13.23 -15.64 2.94
C PHE B 325 12.33 -16.86 3.09
N ASP B 326 11.06 -16.60 3.43
CA ASP B 326 10.02 -17.64 3.51
C ASP B 326 10.06 -18.53 2.28
N GLN B 327 10.25 -19.84 2.48
CA GLN B 327 10.54 -20.68 1.33
C GLN B 327 9.30 -21.08 0.53
N GLN B 328 8.11 -21.07 1.13
CA GLN B 328 6.90 -21.19 0.32
C GLN B 328 6.81 -20.04 -0.66
N MET B 329 7.05 -18.82 -0.19
CA MET B 329 7.00 -17.66 -1.05
C MET B 329 8.12 -17.70 -2.11
N ALA B 330 9.32 -18.11 -1.70
CA ALA B 330 10.43 -18.20 -2.66
C ALA B 330 10.08 -19.16 -3.81
N GLU B 331 9.49 -20.31 -3.49
CA GLU B 331 9.15 -21.29 -4.52
C GLU B 331 8.07 -20.75 -5.47
N LYS B 332 7.08 -20.00 -4.94
CA LYS B 332 6.09 -19.39 -5.83
C LYS B 332 6.72 -18.32 -6.73
N VAL B 333 7.69 -17.56 -6.22
CA VAL B 333 8.39 -16.58 -7.05
C VAL B 333 9.07 -17.26 -8.23
N GLY B 334 9.79 -18.35 -7.96
CA GLY B 334 10.52 -19.03 -9.01
C GLY B 334 9.62 -19.74 -9.98
N ASP B 335 8.48 -20.26 -9.50
CA ASP B 335 7.55 -20.96 -10.37
C ASP B 335 6.97 -20.00 -11.41
N TYR B 336 6.65 -18.76 -10.99
CA TYR B 336 6.18 -17.77 -11.96
C TYR B 336 7.27 -17.46 -12.98
N MET B 337 8.51 -17.28 -12.51
CA MET B 337 9.62 -16.98 -13.41
C MET B 337 9.81 -18.10 -14.45
N GLU B 338 9.71 -19.36 -14.01
CA GLU B 338 9.89 -20.50 -14.92
C GLU B 338 8.78 -20.59 -15.96
N ASN B 339 7.55 -20.21 -15.59
CA ASN B 339 6.46 -20.18 -16.55
C ASN B 339 6.53 -18.99 -17.50
N HIS B 340 7.38 -18.01 -17.22
CA HIS B 340 7.54 -16.80 -18.02
C HIS B 340 8.97 -16.65 -18.51
N GLY B 341 9.59 -17.76 -18.89
CA GLY B 341 10.75 -17.73 -19.76
C GLY B 341 12.12 -17.85 -19.13
N VAL B 342 12.22 -18.06 -17.82
CA VAL B 342 13.51 -18.27 -17.17
C VAL B 342 13.73 -19.76 -16.97
N LYS B 343 14.87 -20.27 -17.46
CA LYS B 343 15.26 -21.65 -17.18
C LYS B 343 16.13 -21.74 -15.94
N PHE B 344 16.01 -22.84 -15.20
CA PHE B 344 16.77 -23.06 -13.98
C PHE B 344 17.58 -24.35 -14.08
N ALA B 345 18.88 -24.25 -13.75
CA ALA B 345 19.75 -25.40 -13.56
C ALA B 345 19.94 -25.57 -12.05
N LYS B 346 19.20 -26.53 -11.47
CA LYS B 346 19.10 -26.65 -10.03
C LYS B 346 20.14 -27.61 -9.47
N LEU B 347 20.56 -27.35 -8.24
CA LEU B 347 21.59 -28.14 -7.55
C LEU B 347 22.86 -28.26 -8.39
N CYS B 348 23.37 -27.10 -8.82
CA CYS B 348 24.45 -27.06 -9.81
C CYS B 348 25.41 -25.93 -9.48
N VAL B 349 26.72 -26.15 -9.64
CA VAL B 349 27.71 -25.11 -9.40
C VAL B 349 28.71 -25.06 -10.57
N PRO B 350 29.33 -23.91 -10.84
CA PRO B 350 30.32 -23.82 -11.92
C PRO B 350 31.73 -24.21 -11.50
N ASP B 351 32.48 -24.73 -12.47
CA ASP B 351 33.89 -25.11 -12.29
C ASP B 351 34.87 -24.26 -13.07
N GLU B 352 34.53 -23.82 -14.28
CA GLU B 352 35.43 -22.96 -15.04
C GLU B 352 34.66 -22.24 -16.13
N ILE B 353 35.15 -21.04 -16.46
CA ILE B 353 34.65 -20.21 -17.54
C ILE B 353 35.78 -20.10 -18.58
N LYS B 354 35.54 -20.58 -19.80
CA LYS B 354 36.49 -20.44 -20.91
C LYS B 354 36.00 -19.44 -21.94
N GLN B 355 36.90 -18.61 -22.45
CA GLN B 355 36.53 -17.63 -23.48
C GLN B 355 36.56 -18.26 -24.86
N LEU B 356 35.46 -18.14 -25.61
CA LEU B 356 35.40 -18.56 -27.00
C LEU B 356 35.46 -17.40 -27.99
N LYS B 357 34.95 -16.22 -27.61
CA LYS B 357 35.04 -15.04 -28.46
C LYS B 357 35.13 -13.80 -27.58
N VAL B 358 36.02 -12.88 -27.96
CA VAL B 358 36.22 -11.63 -27.22
C VAL B 358 35.03 -10.68 -27.45
N VAL B 359 34.73 -9.87 -26.44
CA VAL B 359 33.70 -8.84 -26.58
C VAL B 359 34.08 -7.87 -27.68
N ASP B 360 33.13 -7.57 -28.57
CA ASP B 360 33.32 -6.63 -29.67
C ASP B 360 32.94 -5.23 -29.17
N THR B 361 33.93 -4.50 -28.65
CA THR B 361 33.66 -3.18 -28.09
C THR B 361 33.31 -2.17 -29.16
N GLU B 362 33.83 -2.35 -30.38
CA GLU B 362 33.62 -1.36 -31.43
C GLU B 362 32.19 -1.39 -31.95
N ASN B 363 31.62 -2.57 -32.15
CA ASN B 363 30.27 -2.71 -32.67
C ASN B 363 29.23 -3.09 -31.63
N ASN B 364 29.62 -3.18 -30.35
CA ASN B 364 28.70 -3.40 -29.23
C ASN B 364 27.93 -4.70 -29.37
N LYS B 365 28.68 -5.80 -29.35
CA LYS B 365 28.18 -7.16 -29.33
C LYS B 365 28.88 -7.92 -28.21
N PRO B 366 28.20 -8.82 -27.53
CA PRO B 366 28.88 -9.64 -26.52
C PRO B 366 29.83 -10.62 -27.18
N GLY B 367 30.62 -11.29 -26.36
CA GLY B 367 31.48 -12.36 -26.82
C GLY B 367 30.77 -13.69 -26.75
N LEU B 368 31.50 -14.74 -26.35
CA LEU B 368 30.95 -16.07 -26.22
C LEU B 368 31.83 -16.84 -25.24
N LEU B 369 31.17 -17.57 -24.33
CA LEU B 369 31.84 -18.23 -23.23
C LEU B 369 31.38 -19.68 -23.16
N LEU B 370 32.27 -20.57 -22.73
CA LEU B 370 31.89 -21.96 -22.45
C LEU B 370 31.91 -22.13 -20.94
N VAL B 371 30.76 -22.49 -20.35
CA VAL B 371 30.66 -22.69 -18.91
C VAL B 371 30.63 -24.19 -18.65
N LYS B 372 31.54 -24.65 -17.80
CA LYS B 372 31.58 -26.03 -17.34
C LYS B 372 31.26 -26.06 -15.85
N GLY B 373 30.40 -26.99 -15.44
CA GLY B 373 30.07 -27.14 -14.03
C GLY B 373 29.66 -28.55 -13.70
N HIS B 374 29.01 -28.76 -12.55
CA HIS B 374 28.55 -30.10 -12.20
C HIS B 374 27.39 -30.02 -11.23
N TYR B 375 26.50 -31.01 -11.31
CA TYR B 375 25.36 -31.18 -10.42
C TYR B 375 25.76 -32.00 -9.19
N THR B 376 24.87 -32.05 -8.19
CA THR B 376 25.21 -32.72 -6.93
C THR B 376 25.26 -34.23 -7.07
N ASP B 377 24.57 -34.81 -8.05
CA ASP B 377 24.72 -36.24 -8.26
C ASP B 377 26.07 -36.57 -8.87
N GLY B 378 26.56 -35.71 -9.76
CA GLY B 378 27.86 -35.92 -10.38
C GLY B 378 27.84 -35.63 -11.86
N LYS B 379 26.64 -35.57 -12.42
CA LYS B 379 26.45 -35.27 -13.84
C LYS B 379 27.09 -33.93 -14.19
N LYS B 380 27.56 -33.82 -15.43
CA LYS B 380 28.32 -32.65 -15.83
C LYS B 380 27.40 -31.61 -16.48
N PHE B 381 27.77 -30.35 -16.33
CA PHE B 381 27.12 -29.22 -16.99
C PHE B 381 28.11 -28.61 -17.97
N GLU B 382 27.66 -28.36 -19.20
CA GLU B 382 28.50 -27.67 -20.18
C GLU B 382 27.59 -27.03 -21.22
N GLU B 383 27.63 -25.71 -21.33
CA GLU B 383 26.77 -25.00 -22.26
C GLU B 383 27.43 -23.65 -22.59
N GLU B 384 27.15 -23.14 -23.79
CA GLU B 384 27.69 -21.86 -24.22
C GLU B 384 26.73 -20.73 -23.87
N PHE B 385 27.28 -19.59 -23.45
CA PHE B 385 26.52 -18.39 -23.15
C PHE B 385 27.25 -17.17 -23.68
N GLU B 386 26.49 -16.13 -24.03
CA GLU B 386 27.14 -14.91 -24.50
C GLU B 386 27.59 -14.02 -23.34
N THR B 387 26.88 -14.06 -22.21
CA THR B 387 27.20 -13.29 -21.01
C THR B 387 27.02 -14.18 -19.78
N VAL B 388 27.92 -14.05 -18.80
CA VAL B 388 27.87 -14.79 -17.54
C VAL B 388 27.92 -13.79 -16.39
N ILE B 389 26.85 -13.72 -15.59
CA ILE B 389 26.71 -12.75 -14.51
C ILE B 389 26.83 -13.48 -13.17
N PHE B 390 27.75 -13.05 -12.32
CA PHE B 390 27.89 -13.63 -10.99
C PHE B 390 27.11 -12.80 -9.97
N ALA B 391 26.19 -13.45 -9.25
CA ALA B 391 25.45 -12.85 -8.14
C ALA B 391 25.50 -13.83 -6.96
N VAL B 392 26.69 -13.96 -6.36
CA VAL B 392 26.96 -14.97 -5.33
C VAL B 392 27.33 -14.31 -4.01
N GLY B 393 26.77 -13.13 -3.73
CA GLY B 393 26.95 -12.47 -2.45
C GLY B 393 27.81 -11.23 -2.59
N ARG B 394 27.83 -10.44 -1.50
CA ARG B 394 28.60 -9.20 -1.41
C ARG B 394 29.39 -9.16 -0.11
N GLU B 395 30.51 -8.44 -0.11
CA GLU B 395 31.40 -8.45 1.05
C GLU B 395 32.06 -7.09 1.23
N PRO B 396 32.39 -6.72 2.46
CA PRO B 396 33.15 -5.49 2.68
C PRO B 396 34.63 -5.77 2.47
N GLN B 397 35.40 -4.70 2.38
CA GLN B 397 36.85 -4.83 2.22
C GLN B 397 37.55 -3.90 3.22
N LEU B 398 37.23 -4.10 4.51
CA LEU B 398 37.65 -3.14 5.52
C LEU B 398 39.14 -3.20 5.80
N SER B 399 39.85 -4.24 5.34
CA SER B 399 41.31 -4.23 5.38
C SER B 399 41.87 -2.99 4.71
N LYS B 400 41.24 -2.56 3.61
CA LYS B 400 41.70 -1.36 2.90
C LYS B 400 41.33 -0.09 3.64
N VAL B 401 40.24 -0.11 4.39
CA VAL B 401 39.68 1.11 4.98
C VAL B 401 40.25 1.40 6.37
N LEU B 402 40.69 0.37 7.08
CA LEU B 402 40.84 0.40 8.54
C LEU B 402 42.17 -0.24 8.90
N CYS B 403 43.11 0.54 9.44
CA CYS B 403 44.34 -0.08 9.94
C CYS B 403 44.04 -0.90 11.18
N GLU B 404 44.54 -2.14 11.20
CA GLU B 404 44.25 -3.06 12.29
C GLU B 404 44.67 -2.51 13.64
N THR B 405 45.63 -1.59 13.67
CA THR B 405 46.14 -1.08 14.94
C THR B 405 45.21 -0.06 15.59
N VAL B 406 44.19 0.43 14.88
CA VAL B 406 43.27 1.39 15.51
C VAL B 406 42.47 0.73 16.62
N GLY B 407 42.12 -0.55 16.48
CA GLY B 407 41.36 -1.26 17.48
C GLY B 407 39.88 -1.46 17.22
N VAL B 408 39.42 -1.25 15.99
CA VAL B 408 38.01 -1.47 15.66
C VAL B 408 37.80 -2.95 15.38
N LYS B 409 36.93 -3.60 16.17
CA LYS B 409 36.75 -5.04 16.10
C LYS B 409 35.79 -5.43 14.98
N LEU B 410 36.17 -6.45 14.22
CA LEU B 410 35.40 -7.02 13.13
C LEU B 410 34.89 -8.41 13.52
N ASP B 411 33.80 -8.85 12.87
CA ASP B 411 33.30 -10.20 13.11
C ASP B 411 33.95 -11.17 12.13
N LYS B 412 33.49 -12.41 12.10
CA LYS B 412 34.16 -13.42 11.30
C LYS B 412 33.92 -13.24 9.80
N ASN B 413 32.92 -12.44 9.43
CA ASN B 413 32.69 -12.08 8.02
C ASN B 413 33.33 -10.77 7.63
N GLY B 414 34.08 -10.13 8.54
CA GLY B 414 34.71 -8.85 8.24
C GLY B 414 33.84 -7.62 8.42
N ARG B 415 32.66 -7.75 9.05
CA ARG B 415 31.77 -6.61 9.30
C ARG B 415 32.03 -6.05 10.69
N VAL B 416 31.65 -4.78 10.91
CA VAL B 416 32.00 -4.07 12.15
C VAL B 416 31.05 -4.46 13.28
N VAL B 417 31.61 -4.80 14.44
CA VAL B 417 30.80 -5.11 15.61
C VAL B 417 30.44 -3.81 16.33
N CYS B 418 29.15 -3.48 16.38
CA CYS B 418 28.69 -2.24 16.99
C CYS B 418 27.66 -2.50 18.10
N THR B 419 27.57 -1.54 19.03
CA THR B 419 26.48 -1.51 20.00
C THR B 419 25.24 -0.89 19.33
N ASP B 420 24.16 -0.73 20.11
CA ASP B 420 22.85 -0.35 19.55
C ASP B 420 22.78 1.11 19.17
N ASP B 421 23.85 1.86 19.39
CA ASP B 421 23.99 3.26 19.00
C ASP B 421 24.98 3.44 17.86
N GLU B 422 25.33 2.34 17.18
CA GLU B 422 26.28 2.29 16.06
C GLU B 422 27.73 2.50 16.47
N GLN B 423 28.03 2.56 17.77
CA GLN B 423 29.40 2.83 18.21
C GLN B 423 30.28 1.58 18.08
N THR B 424 31.52 1.75 17.58
CA THR B 424 32.44 0.62 17.47
C THR B 424 33.14 0.42 18.81
N THR B 425 34.14 -0.46 18.83
CA THR B 425 34.99 -0.63 20.01
C THR B 425 35.94 0.55 20.26
N VAL B 426 36.00 1.53 19.35
CA VAL B 426 36.71 2.78 19.58
C VAL B 426 35.67 3.89 19.68
N SER B 427 35.71 4.67 20.79
CA SER B 427 34.52 5.38 21.27
C SER B 427 34.06 6.50 20.32
N ASN B 428 34.98 7.12 19.59
CA ASN B 428 34.65 8.21 18.68
C ASN B 428 34.36 7.74 17.26
N VAL B 429 34.43 6.43 17.00
CA VAL B 429 34.28 5.86 15.67
C VAL B 429 32.97 5.07 15.61
N TYR B 430 32.18 5.29 14.55
CA TYR B 430 30.86 4.67 14.38
C TYR B 430 30.81 3.97 13.02
N ALA B 431 29.87 3.03 12.85
CA ALA B 431 29.70 2.34 11.56
C ALA B 431 28.22 2.25 11.22
N ILE B 432 27.85 2.59 9.98
CA ILE B 432 26.45 2.54 9.53
C ILE B 432 26.33 1.80 8.20
N GLY B 433 25.10 1.39 7.89
CA GLY B 433 24.87 0.75 6.60
C GLY B 433 25.28 -0.71 6.54
N ASP B 434 25.65 -1.18 5.33
CA ASP B 434 25.85 -2.60 5.08
C ASP B 434 27.04 -3.19 5.85
N ILE B 435 28.01 -2.37 6.27
CA ILE B 435 29.15 -2.91 7.02
C ILE B 435 28.87 -3.09 8.50
N ASN B 436 27.70 -2.69 8.99
CA ASN B 436 27.35 -2.84 10.41
C ASN B 436 26.81 -4.26 10.62
N ALA B 437 27.55 -5.07 11.38
CA ALA B 437 27.23 -6.49 11.50
C ALA B 437 25.84 -6.72 12.07
N GLY B 438 25.11 -7.68 11.48
CA GLY B 438 23.83 -8.09 12.01
C GLY B 438 22.62 -7.30 11.55
N LYS B 439 22.81 -6.19 10.79
CA LYS B 439 21.69 -5.32 10.45
C LYS B 439 21.15 -5.64 9.06
N PRO B 440 19.87 -5.36 8.81
CA PRO B 440 19.32 -5.51 7.45
C PRO B 440 20.04 -4.58 6.48
N GLN B 441 20.41 -5.12 5.31
CA GLN B 441 21.28 -4.40 4.38
C GLN B 441 20.39 -3.74 3.31
N LEU B 442 19.80 -2.60 3.68
CA LEU B 442 18.82 -1.92 2.86
C LEU B 442 19.07 -0.42 2.92
N THR B 443 18.74 0.26 1.82
CA THR B 443 19.01 1.70 1.71
C THR B 443 18.27 2.55 2.75
N PRO B 444 16.95 2.39 2.98
CA PRO B 444 16.32 3.24 4.00
C PRO B 444 16.80 2.95 5.40
N VAL B 445 17.32 1.76 5.66
CA VAL B 445 17.94 1.49 6.96
C VAL B 445 19.21 2.31 7.14
N ALA B 446 20.07 2.31 6.11
CA ALA B 446 21.30 3.10 6.18
C ALA B 446 21.00 4.58 6.37
N ILE B 447 19.97 5.09 5.68
CA ILE B 447 19.61 6.50 5.78
C ILE B 447 19.10 6.84 7.18
N GLN B 448 18.20 6.04 7.74
CA GLN B 448 17.70 6.28 9.08
C GLN B 448 18.83 6.20 10.12
N ALA B 449 19.68 5.18 10.03
CA ALA B 449 20.78 5.06 10.97
C ALA B 449 21.68 6.28 10.92
N GLY B 450 22.01 6.74 9.72
CA GLY B 450 22.91 7.88 9.59
C GLY B 450 22.28 9.16 10.12
N ARG B 451 21.04 9.46 9.71
CA ARG B 451 20.36 10.66 10.20
C ARG B 451 20.21 10.64 11.71
N TYR B 452 19.75 9.51 12.28
CA TYR B 452 19.49 9.45 13.70
C TYR B 452 20.78 9.54 14.51
N LEU B 453 21.88 8.98 13.98
CA LEU B 453 23.17 9.05 14.67
C LEU B 453 23.68 10.48 14.73
N ALA B 454 23.62 11.19 13.59
CA ALA B 454 24.05 12.58 13.57
C ALA B 454 23.29 13.44 14.58
N ARG B 455 22.00 13.15 14.78
CA ARG B 455 21.22 13.91 15.76
C ARG B 455 21.66 13.61 17.19
N ARG B 456 22.03 12.36 17.48
CA ARG B 456 22.50 12.04 18.82
C ARG B 456 23.86 12.68 19.09
N LEU B 457 24.75 12.67 18.08
CA LEU B 457 26.09 13.23 18.30
C LEU B 457 26.06 14.75 18.42
N PHE B 458 25.27 15.43 17.59
CA PHE B 458 25.42 16.88 17.47
C PHE B 458 24.20 17.68 17.90
N ALA B 459 23.09 17.04 18.28
CA ALA B 459 21.92 17.78 18.73
C ALA B 459 21.31 17.22 20.00
N GLY B 460 22.01 16.37 20.74
CA GLY B 460 21.49 15.85 21.99
C GLY B 460 20.33 14.88 21.89
N ALA B 461 20.02 14.37 20.70
CA ALA B 461 18.91 13.44 20.59
C ALA B 461 19.24 12.13 21.32
N THR B 462 18.19 11.39 21.70
CA THR B 462 18.37 10.09 22.33
C THR B 462 17.82 8.94 21.49
N GLU B 463 17.00 9.20 20.48
CA GLU B 463 16.30 8.14 19.76
C GLU B 463 17.27 7.23 19.01
N LEU B 464 17.08 5.91 19.15
CA LEU B 464 17.85 4.90 18.44
C LEU B 464 17.09 4.44 17.19
N THR B 465 17.84 3.88 16.24
CA THR B 465 17.21 3.23 15.08
C THR B 465 16.63 1.88 15.50
N ASP B 466 15.39 1.59 15.08
CA ASP B 466 14.74 0.30 15.38
C ASP B 466 14.90 -0.59 14.14
N TYR B 467 15.69 -1.66 14.27
CA TYR B 467 16.00 -2.56 13.15
C TYR B 467 15.06 -3.77 13.08
N SER B 468 13.99 -3.81 13.88
CA SER B 468 13.10 -4.99 13.90
C SER B 468 11.94 -4.82 12.92
N ASN B 469 11.50 -5.95 12.34
CA ASN B 469 10.35 -5.98 11.43
C ASN B 469 10.48 -4.95 10.30
N VAL B 470 11.68 -4.84 9.71
CA VAL B 470 11.88 -3.93 8.57
C VAL B 470 11.35 -4.62 7.31
N ALA B 471 10.41 -3.96 6.62
CA ALA B 471 9.79 -4.55 5.44
C ALA B 471 10.74 -4.58 4.25
N THR B 472 10.51 -5.53 3.34
CA THR B 472 11.32 -5.76 2.15
C THR B 472 10.41 -5.92 0.93
N THR B 473 10.97 -5.70 -0.26
CA THR B 473 10.29 -6.13 -1.49
C THR B 473 11.32 -6.60 -2.50
N VAL B 474 11.09 -7.79 -3.04
CA VAL B 474 11.89 -8.37 -4.11
C VAL B 474 11.19 -8.07 -5.42
N PHE B 475 11.87 -7.36 -6.32
CA PHE B 475 11.28 -6.88 -7.57
C PHE B 475 11.52 -7.85 -8.73
N THR B 476 11.14 -9.12 -8.50
CA THR B 476 11.02 -10.12 -9.54
C THR B 476 9.80 -9.83 -10.45
N PRO B 477 9.69 -10.52 -11.60
CA PRO B 477 8.61 -10.16 -12.55
C PRO B 477 7.21 -10.14 -11.94
N LEU B 478 6.89 -11.11 -11.07
CA LEU B 478 5.83 -10.94 -10.08
C LEU B 478 6.50 -10.62 -8.74
N GLU B 479 6.18 -9.46 -8.15
CA GLU B 479 6.90 -8.93 -7.01
C GLU B 479 6.48 -9.61 -5.69
N TYR B 480 7.41 -9.66 -4.72
CA TYR B 480 7.17 -10.29 -3.43
C TYR B 480 7.51 -9.29 -2.31
N GLY B 481 6.50 -8.88 -1.55
CA GLY B 481 6.68 -8.02 -0.36
C GLY B 481 6.48 -8.80 0.92
N ALA B 482 7.26 -8.44 1.95
CA ALA B 482 7.21 -9.11 3.25
C ALA B 482 7.51 -8.14 4.38
N CYS B 483 6.92 -8.41 5.56
CA CYS B 483 7.24 -7.67 6.78
C CYS B 483 7.10 -8.63 7.95
N GLY B 484 8.23 -8.94 8.61
CA GLY B 484 8.19 -9.80 9.78
C GLY B 484 8.74 -11.19 9.50
N LEU B 485 8.31 -12.14 10.33
CA LEU B 485 8.84 -13.51 10.29
C LEU B 485 8.31 -14.33 9.11
N SER B 486 9.18 -15.18 8.56
CA SER B 486 8.72 -16.28 7.73
C SER B 486 7.89 -17.24 8.58
N GLU B 487 7.06 -18.04 7.89
CA GLU B 487 6.26 -19.04 8.57
C GLU B 487 7.16 -20.06 9.29
N GLU B 488 8.26 -20.49 8.65
CA GLU B 488 9.11 -21.48 9.29
C GLU B 488 9.86 -20.90 10.50
N ASP B 489 10.26 -19.63 10.47
CA ASP B 489 10.90 -19.06 11.66
C ASP B 489 9.90 -18.91 12.81
N ALA B 490 8.65 -18.55 12.49
CA ALA B 490 7.63 -18.42 13.54
C ALA B 490 7.37 -19.76 14.23
N ILE B 491 7.28 -20.83 13.45
CA ILE B 491 7.04 -22.16 14.01
C ILE B 491 8.24 -22.61 14.85
N GLU B 492 9.46 -22.31 14.38
CA GLU B 492 10.65 -22.67 15.16
C GLU B 492 10.70 -21.92 16.49
N LYS B 493 10.30 -20.65 16.49
CA LYS B 493 10.38 -19.83 17.69
C LYS B 493 9.31 -20.19 18.71
N TYR B 494 8.09 -20.50 18.26
CA TYR B 494 6.94 -20.61 19.15
C TYR B 494 6.27 -21.97 19.15
N GLY B 495 6.55 -22.83 18.20
CA GLY B 495 5.91 -24.13 18.13
C GLY B 495 4.67 -24.14 17.25
N ASP B 496 4.47 -25.26 16.54
CA ASP B 496 3.39 -25.34 15.56
C ASP B 496 2.03 -25.10 16.19
N LYS B 497 1.83 -25.55 17.44
CA LYS B 497 0.51 -25.44 18.04
C LYS B 497 0.13 -24.01 18.37
N ASP B 498 1.09 -23.10 18.47
CA ASP B 498 0.84 -21.70 18.81
C ASP B 498 0.82 -20.80 17.58
N ILE B 499 0.90 -21.35 16.38
CA ILE B 499 0.93 -20.55 15.15
C ILE B 499 -0.32 -20.86 14.33
N GLU B 500 -1.00 -19.81 13.86
CA GLU B 500 -2.13 -19.94 12.96
C GLU B 500 -1.86 -19.08 11.72
N VAL B 501 -2.11 -19.63 10.53
CA VAL B 501 -1.80 -18.97 9.26
C VAL B 501 -3.09 -18.80 8.46
N TYR B 502 -3.44 -17.56 8.12
CA TYR B 502 -4.57 -17.24 7.25
C TYR B 502 -4.05 -16.93 5.85
N HIS B 503 -4.68 -17.45 4.79
CA HIS B 503 -4.09 -17.24 3.47
C HIS B 503 -5.17 -17.25 2.39
N SER B 504 -4.82 -16.73 1.21
CA SER B 504 -5.74 -16.68 0.07
C SER B 504 -4.95 -16.38 -1.20
N ASN B 505 -5.40 -16.98 -2.32
CA ASN B 505 -5.04 -16.48 -3.63
C ASN B 505 -5.88 -15.24 -3.95
N PHE B 506 -5.47 -14.50 -4.98
CA PHE B 506 -6.29 -13.41 -5.51
C PHE B 506 -5.94 -13.19 -6.98
N LYS B 507 -6.80 -12.44 -7.66
CA LYS B 507 -6.57 -12.08 -9.08
C LYS B 507 -6.72 -10.57 -9.22
N PRO B 508 -5.70 -9.85 -9.67
CA PRO B 508 -5.86 -8.40 -9.89
C PRO B 508 -6.96 -8.15 -10.92
N LEU B 509 -7.80 -7.14 -10.66
CA LEU B 509 -8.86 -6.83 -11.63
C LEU B 509 -8.27 -6.53 -13.01
N GLU B 510 -7.07 -5.94 -13.05
CA GLU B 510 -6.40 -5.63 -14.31
C GLU B 510 -6.07 -6.87 -15.12
N TRP B 511 -6.00 -8.04 -14.48
CA TRP B 511 -5.65 -9.29 -15.15
C TRP B 511 -6.86 -10.00 -15.77
N THR B 512 -8.09 -9.55 -15.51
CA THR B 512 -9.27 -10.27 -16.01
C THR B 512 -9.45 -10.08 -17.51
N VAL B 513 -9.59 -8.83 -17.95
CA VAL B 513 -9.74 -8.54 -19.38
C VAL B 513 -8.46 -8.93 -20.14
N ALA B 514 -7.31 -8.93 -19.47
CA ALA B 514 -6.03 -9.30 -20.10
C ALA B 514 -5.77 -10.80 -20.15
N HIS B 515 -6.68 -11.63 -19.61
CA HIS B 515 -6.59 -13.10 -19.69
C HIS B 515 -5.31 -13.65 -19.04
N ARG B 516 -4.93 -13.10 -17.88
CA ARG B 516 -3.78 -13.62 -17.14
C ARG B 516 -4.26 -14.62 -16.07
N GLU B 517 -3.33 -15.11 -15.24
CA GLU B 517 -3.56 -16.30 -14.41
C GLU B 517 -4.54 -16.07 -13.25
N ASP B 518 -5.38 -17.08 -12.97
CA ASP B 518 -6.43 -16.97 -11.96
C ASP B 518 -5.91 -17.08 -10.52
N ASN B 519 -4.95 -17.96 -10.27
CA ASN B 519 -4.56 -18.32 -8.90
C ASN B 519 -3.05 -18.42 -8.75
N VAL B 520 -2.32 -17.37 -9.12
CA VAL B 520 -0.89 -17.30 -8.86
C VAL B 520 -0.57 -16.25 -7.80
N CYS B 521 -1.24 -15.11 -7.83
CA CYS B 521 -1.05 -14.14 -6.75
C CYS B 521 -1.55 -14.74 -5.44
N TYR B 522 -0.85 -14.43 -4.34
CA TYR B 522 -1.03 -15.14 -3.07
C TYR B 522 -0.62 -14.25 -1.90
N MET B 523 -1.34 -14.37 -0.77
CA MET B 523 -0.92 -13.65 0.43
C MET B 523 -1.24 -14.47 1.67
N LYS B 524 -0.53 -14.16 2.76
CA LYS B 524 -0.77 -14.85 4.02
C LYS B 524 -0.37 -13.98 5.21
N LEU B 525 -1.02 -14.26 6.35
CA LEU B 525 -0.69 -13.65 7.64
C LEU B 525 -0.31 -14.77 8.61
N VAL B 526 0.90 -14.71 9.16
CA VAL B 526 1.41 -15.67 10.14
C VAL B 526 1.19 -15.08 11.53
N CYS B 527 0.43 -15.79 12.39
CA CYS B 527 -0.09 -15.21 13.64
C CYS B 527 0.19 -16.10 14.83
N ARG B 528 0.31 -15.48 16.02
CA ARG B 528 0.56 -16.19 17.27
C ARG B 528 -0.71 -16.27 18.11
N LYS B 529 -1.21 -17.50 18.29
CA LYS B 529 -2.50 -17.73 18.93
C LYS B 529 -2.54 -17.19 20.36
N SER B 530 -1.51 -17.51 21.16
CA SER B 530 -1.54 -17.17 22.59
C SER B 530 -1.32 -15.68 22.86
N ASP B 531 -1.00 -14.88 21.85
CA ASP B 531 -0.79 -13.46 22.05
C ASP B 531 -1.84 -12.66 21.28
N ASN B 532 -3.12 -12.99 21.49
CA ASN B 532 -4.25 -12.26 20.89
C ASN B 532 -4.19 -12.30 19.35
N MET B 533 -3.66 -13.40 18.81
CA MET B 533 -3.52 -13.60 17.36
C MET B 533 -2.69 -12.47 16.74
N ARG B 534 -1.61 -12.09 17.43
CA ARG B 534 -0.66 -11.10 16.95
C ARG B 534 -0.14 -11.48 15.56
N VAL B 535 -0.04 -10.49 14.67
CA VAL B 535 0.54 -10.73 13.34
C VAL B 535 2.06 -10.75 13.48
N LEU B 536 2.66 -11.91 13.23
CA LEU B 536 4.11 -12.05 13.29
C LEU B 536 4.79 -11.77 11.97
N GLY B 537 4.10 -12.06 10.86
CA GLY B 537 4.65 -11.88 9.54
C GLY B 537 3.56 -11.74 8.48
N LEU B 538 3.77 -10.83 7.54
CA LEU B 538 2.88 -10.58 6.42
C LEU B 538 3.65 -10.83 5.12
N HIS B 539 3.00 -11.49 4.15
CA HIS B 539 3.63 -11.91 2.90
C HIS B 539 2.67 -11.70 1.73
N VAL B 540 3.13 -11.08 0.62
CA VAL B 540 2.26 -10.92 -0.55
C VAL B 540 3.07 -11.06 -1.85
N LEU B 541 2.57 -11.90 -2.75
CA LEU B 541 3.07 -12.06 -4.11
C LEU B 541 2.04 -11.47 -5.08
N GLY B 542 2.40 -10.41 -5.80
CA GLY B 542 1.47 -9.77 -6.70
C GLY B 542 2.03 -8.47 -7.27
N PRO B 543 1.29 -7.82 -8.16
CA PRO B 543 1.78 -6.53 -8.69
C PRO B 543 1.79 -5.42 -7.63
N ASN B 544 2.76 -4.52 -7.76
CA ASN B 544 2.88 -3.35 -6.89
C ASN B 544 3.07 -3.76 -5.43
N ALA B 545 3.80 -4.86 -5.19
CA ALA B 545 3.85 -5.43 -3.86
C ALA B 545 4.50 -4.51 -2.82
N GLY B 546 5.46 -3.67 -3.24
CA GLY B 546 6.04 -2.70 -2.30
C GLY B 546 5.06 -1.62 -1.88
N GLU B 547 4.23 -1.15 -2.82
CA GLU B 547 3.16 -0.21 -2.43
C GLU B 547 2.15 -0.90 -1.50
N ILE B 548 1.82 -2.17 -1.76
CA ILE B 548 0.89 -2.88 -0.89
C ILE B 548 1.44 -2.98 0.53
N THR B 549 2.71 -3.43 0.64
CA THR B 549 3.26 -3.84 1.94
C THR B 549 3.53 -2.64 2.85
N GLN B 550 3.90 -1.48 2.29
CA GLN B 550 4.51 -0.42 3.12
C GLN B 550 3.62 -0.02 4.29
N GLY B 551 2.36 0.31 4.03
CA GLY B 551 1.50 0.81 5.10
C GLY B 551 1.28 -0.18 6.24
N TYR B 552 1.22 -1.48 5.91
CA TYR B 552 1.06 -2.48 6.96
C TYR B 552 2.26 -2.52 7.89
N ALA B 553 3.44 -2.11 7.42
CA ALA B 553 4.61 -2.11 8.30
C ALA B 553 4.42 -1.16 9.48
N VAL B 554 3.67 -0.06 9.30
CA VAL B 554 3.38 0.82 10.44
C VAL B 554 2.50 0.09 11.46
N ALA B 555 1.46 -0.60 10.97
CA ALA B 555 0.55 -1.32 11.85
C ALA B 555 1.24 -2.46 12.60
N ILE B 556 2.16 -3.18 11.91
CA ILE B 556 2.90 -4.28 12.56
C ILE B 556 3.85 -3.74 13.64
N LYS B 557 4.51 -2.59 13.40
CA LYS B 557 5.34 -1.97 14.44
C LYS B 557 4.52 -1.64 15.69
N MET B 558 3.26 -1.25 15.49
CA MET B 558 2.29 -0.91 16.52
C MET B 558 1.70 -2.13 17.23
N GLY B 559 1.99 -3.34 16.75
CA GLY B 559 1.52 -4.58 17.36
C GLY B 559 0.16 -5.07 16.86
N ALA B 560 -0.10 -4.91 15.56
CA ALA B 560 -1.39 -5.30 15.00
C ALA B 560 -1.70 -6.77 15.25
N THR B 561 -2.97 -7.06 15.50
CA THR B 561 -3.51 -8.41 15.61
C THR B 561 -4.41 -8.70 14.42
N LYS B 562 -4.79 -9.98 14.27
CA LYS B 562 -5.75 -10.34 13.22
C LYS B 562 -7.05 -9.53 13.36
N ALA B 563 -7.50 -9.28 14.60
CA ALA B 563 -8.72 -8.53 14.79
C ALA B 563 -8.60 -7.11 14.27
N ASP B 564 -7.38 -6.54 14.33
CA ASP B 564 -7.19 -5.20 13.79
C ASP B 564 -7.36 -5.18 12.27
N PHE B 565 -6.90 -6.25 11.60
CA PHE B 565 -7.12 -6.36 10.16
C PHE B 565 -8.60 -6.59 9.84
N ASP B 566 -9.28 -7.43 10.63
CA ASP B 566 -10.69 -7.73 10.37
C ASP B 566 -11.57 -6.49 10.52
N ARG B 567 -11.33 -5.68 11.56
CA ARG B 567 -12.20 -4.53 11.80
C ARG B 567 -11.95 -3.38 10.83
N THR B 568 -10.82 -3.38 10.11
CA THR B 568 -10.53 -2.36 9.09
C THR B 568 -11.25 -2.71 7.79
N ILE B 569 -11.85 -1.68 7.10
CA ILE B 569 -12.61 -1.90 5.86
C ILE B 569 -11.70 -1.79 4.64
N GLY B 570 -11.95 -2.64 3.65
CA GLY B 570 -11.14 -2.60 2.42
C GLY B 570 -11.48 -1.41 1.53
N ILE B 571 -10.51 -1.09 0.64
CA ILE B 571 -10.70 -0.18 -0.50
C ILE B 571 -10.89 -1.02 -1.75
N HIS B 572 -11.98 -0.78 -2.49
CA HIS B 572 -12.35 -1.59 -3.65
C HIS B 572 -12.38 -0.74 -4.92
N PRO B 573 -11.87 -1.24 -6.06
CA PRO B 573 -11.17 -2.52 -6.25
C PRO B 573 -9.66 -2.37 -6.12
N THR B 574 -9.02 -3.10 -5.19
CA THR B 574 -7.57 -3.14 -5.07
C THR B 574 -7.12 -4.58 -4.82
N CYS B 575 -5.82 -4.82 -4.99
CA CYS B 575 -5.24 -6.09 -4.52
C CYS B 575 -5.12 -6.09 -2.99
N SER B 576 -4.70 -4.95 -2.42
CA SER B 576 -4.39 -4.90 -1.00
C SER B 576 -5.60 -5.21 -0.12
N GLU B 577 -6.83 -4.91 -0.57
CA GLU B 577 -8.01 -5.13 0.27
C GLU B 577 -8.17 -6.59 0.65
N THR B 578 -7.55 -7.52 -0.08
CA THR B 578 -7.69 -8.92 0.27
C THR B 578 -7.19 -9.21 1.70
N PHE B 579 -6.25 -8.41 2.21
CA PHE B 579 -5.77 -8.60 3.58
C PHE B 579 -6.85 -8.32 4.63
N THR B 580 -7.92 -7.60 4.29
CA THR B 580 -8.92 -7.19 5.27
C THR B 580 -10.04 -8.20 5.48
N THR B 581 -10.06 -9.30 4.69
CA THR B 581 -11.14 -10.30 4.76
C THR B 581 -10.61 -11.73 4.76
N LEU B 582 -9.36 -11.94 5.18
CA LEU B 582 -8.78 -13.28 5.16
C LEU B 582 -9.49 -14.17 6.18
N HIS B 583 -9.78 -15.42 5.81
CA HIS B 583 -10.49 -16.26 6.76
C HIS B 583 -10.10 -17.73 6.70
N VAL B 584 -9.54 -18.19 5.59
CA VAL B 584 -9.17 -19.60 5.44
C VAL B 584 -7.87 -19.86 6.20
N THR B 585 -7.90 -20.80 7.16
CA THR B 585 -6.68 -21.20 7.85
C THR B 585 -6.00 -22.38 7.15
N LYS B 586 -4.68 -22.46 7.30
CA LYS B 586 -3.97 -23.61 6.77
C LYS B 586 -4.37 -24.89 7.49
N LYS B 587 -4.58 -24.81 8.80
CA LYS B 587 -4.91 -26.02 9.56
C LYS B 587 -6.25 -26.61 9.13
N SER B 588 -7.17 -25.78 8.63
CA SER B 588 -8.47 -26.27 8.18
C SER B 588 -8.37 -27.12 6.92
N GLY B 589 -7.32 -26.94 6.12
CA GLY B 589 -7.17 -27.67 4.88
C GLY B 589 -8.05 -27.22 3.74
N VAL B 590 -8.83 -26.15 3.91
CA VAL B 590 -9.68 -25.62 2.84
C VAL B 590 -8.82 -24.90 1.81
N SER B 591 -9.16 -25.07 0.54
CA SER B 591 -8.32 -24.53 -0.53
C SER B 591 -8.31 -23.00 -0.49
N PRO B 592 -7.15 -22.37 -0.74
CA PRO B 592 -7.08 -20.90 -0.79
C PRO B 592 -7.46 -20.28 -2.13
N ILE B 593 -7.85 -21.08 -3.14
CA ILE B 593 -8.12 -20.50 -4.46
C ILE B 593 -9.37 -19.63 -4.43
N VAL B 594 -9.46 -18.74 -5.42
CA VAL B 594 -10.48 -17.70 -5.48
C VAL B 594 -11.83 -18.29 -5.83
PA FAD C . -26.66 -2.17 -5.05
O1A FAD C . -25.34 -2.74 -5.37
O2A FAD C . -27.12 -0.99 -5.86
O5B FAD C . -27.74 -3.36 -5.11
C5B FAD C . -29.16 -3.11 -4.99
C4B FAD C . -29.87 -4.04 -5.94
O4B FAD C . -31.28 -4.16 -5.59
C3B FAD C . -29.82 -3.62 -7.41
O3B FAD C . -29.56 -4.76 -8.23
C2B FAD C . -31.23 -3.03 -7.63
O2B FAD C . -31.63 -3.03 -8.99
C1B FAD C . -32.03 -4.01 -6.78
N9A FAD C . -33.39 -3.59 -6.43
C8A FAD C . -33.86 -2.31 -6.27
N7A FAD C . -35.13 -2.25 -5.95
C5A FAD C . -35.51 -3.58 -5.88
C6A FAD C . -36.75 -4.18 -5.59
N6A FAD C . -37.86 -3.51 -5.27
N1A FAD C . -36.81 -5.54 -5.61
C2A FAD C . -35.70 -6.22 -5.93
N3A FAD C . -34.48 -5.76 -6.22
C4A FAD C . -34.46 -4.42 -6.19
N1 FAD C . -17.81 1.78 -4.36
C2 FAD C . -16.54 1.45 -3.99
O2 FAD C . -16.28 0.95 -2.88
N3 FAD C . -15.49 1.64 -4.88
C4 FAD C . -15.60 2.15 -6.17
O4 FAD C . -14.58 2.27 -6.87
C4X FAD C . -16.95 2.51 -6.55
N5 FAD C . -17.15 3.01 -7.76
C5X FAD C . -18.46 3.32 -8.14
C6 FAD C . -18.68 3.84 -9.42
C7 FAD C . -19.96 4.19 -9.85
C7M FAD C . -20.17 4.74 -11.23
C8 FAD C . -21.05 4.02 -8.97
C8M FAD C . -22.45 4.37 -9.41
C9 FAD C . -20.84 3.49 -7.70
C9A FAD C . -19.56 3.15 -7.28
N10 FAD C . -19.29 2.63 -5.98
C10 FAD C . -17.99 2.30 -5.59
C1' FAD C . -20.37 2.45 -5.01
C2' FAD C . -20.89 1.02 -4.94
O2' FAD C . -21.34 0.64 -6.25
C3' FAD C . -22.08 0.98 -4.00
O3' FAD C . -21.70 1.51 -2.74
C4' FAD C . -22.62 -0.43 -3.80
O4' FAD C . -22.96 -0.99 -5.07
C5' FAD C . -23.82 -0.39 -2.88
O5' FAD C . -24.31 -1.72 -2.68
P FAD C . -25.79 -1.97 -2.22
O1P FAD C . -25.86 -3.45 -1.85
O2P FAD C . -26.16 -0.96 -1.17
O3P FAD C . -26.71 -1.71 -3.52
C4 ZLI D . -23.00 -40.61 11.99
C5 ZLI D . -22.29 -41.25 12.99
C6 ZLI D . -20.91 -41.17 13.05
C7 ZLI D . -24.50 -40.73 11.90
C8 ZLI D . -25.16 -42.87 13.11
C10 ZLI D . -24.87 -44.08 15.32
C13 ZLI D . -23.74 -44.83 17.39
N ZLI D . -25.08 -41.48 13.04
C ZLI D . -18.71 -40.39 12.15
O ZLI D . -24.73 -43.59 12.21
C1 ZLI D . -20.20 -40.46 12.09
C11 ZLI D . -23.70 -44.74 15.06
C12 ZLI D . -23.05 -45.17 16.27
C2 ZLI D . -20.91 -39.81 11.08
C3 ZLI D . -22.31 -39.89 11.02
C9 ZLI D . -25.81 -43.49 14.35
S ZLI D . -25.17 -43.99 17.02
PA FAD E . 27.15 2.22 -0.29
O1A FAD E . 25.90 2.75 -0.86
O2A FAD E . 27.72 0.97 -0.97
O5B FAD E . 28.21 3.42 -0.23
C5B FAD E . 29.58 3.21 0.20
C4B FAD E . 30.46 4.12 -0.64
O4B FAD E . 31.78 4.20 -0.05
C3B FAD E . 30.67 3.66 -2.08
O3B FAD E . 30.56 4.78 -2.97
C2B FAD E . 32.07 3.05 -2.04
O2B FAD E . 32.72 2.94 -3.31
C1B FAD E . 32.73 4.05 -1.10
N9A FAD E . 34.01 3.66 -0.52
C8A FAD E . 34.46 2.39 -0.26
N7A FAD E . 35.66 2.35 0.29
C5A FAD E . 36.03 3.67 0.37
C6A FAD E . 37.19 4.31 0.86
N6A FAD E . 38.23 3.65 1.37
N1A FAD E . 37.23 5.66 0.80
C2A FAD E . 36.19 6.32 0.31
N3A FAD E . 35.04 5.84 -0.18
C4A FAD E . 35.03 4.50 -0.11
N1 FAD E . 18.29 -1.80 -1.08
C2 FAD E . 16.97 -1.49 -0.96
O2 FAD E . 16.51 -0.98 0.07
N3 FAD E . 16.10 -1.70 -2.03
C4 FAD E . 16.45 -2.25 -3.26
O4 FAD E . 15.58 -2.39 -4.14
C4X FAD E . 17.84 -2.61 -3.37
N5 FAD E . 18.26 -3.13 -4.51
C5X FAD E . 19.61 -3.45 -4.63
C6 FAD E . 20.07 -4.00 -5.83
C7 FAD E . 21.40 -4.34 -6.00
C7M FAD E . 21.87 -4.93 -7.31
C8 FAD E . 22.31 -4.14 -4.95
C8M FAD E . 23.77 -4.50 -5.11
C9 FAD E . 21.86 -3.59 -3.75
C9A FAD E . 20.53 -3.25 -3.58
N10 FAD E . 20.04 -2.69 -2.38
C10 FAD E . 18.70 -2.34 -2.24
C1' FAD E . 20.94 -2.46 -1.23
C2' FAD E . 21.45 -1.04 -1.15
O2' FAD E . 22.16 -0.73 -2.36
C3' FAD E . 22.42 -0.91 0.02
O3' FAD E . 21.80 -1.36 1.23
C4' FAD E . 22.95 0.51 0.25
O4' FAD E . 23.51 0.97 -0.98
C5' FAD E . 23.98 0.50 1.35
O5' FAD E . 24.42 1.85 1.61
P FAD E . 25.80 2.11 2.35
O1P FAD E . 25.84 3.60 2.73
O2P FAD E . 25.95 1.11 3.46
O3P FAD E . 26.93 1.83 1.23
C4 ZLI F . 21.63 42.18 16.95
C5 ZLI F . 20.95 41.04 17.33
C6 ZLI F . 19.86 40.58 16.58
C7 ZLI F . 22.82 42.68 17.75
C8 ZLI F . 21.29 44.01 19.42
C10 ZLI F . 20.17 44.32 21.78
C13 ZLI F . 18.01 44.07 22.96
N ZLI F . 22.48 43.38 19.03
C ZLI F . 18.26 40.79 14.69
O ZLI F . 20.30 44.06 18.71
C1 ZLI F . 19.45 41.25 15.45
C11 ZLI F . 20.30 43.65 22.96
C12 ZLI F . 19.04 43.51 23.66
C2 ZLI F . 20.15 42.40 15.06
C3 ZLI F . 21.24 42.86 15.80
C9 ZLI F . 21.27 44.67 20.83
S ZLI F . 18.53 44.77 21.48
#